data_1J0I
#
_entry.id   1J0I
#
_cell.length_a   68.449
_cell.length_b   71.439
_cell.length_c   123.695
_cell.angle_alpha   90.00
_cell.angle_beta   91.11
_cell.angle_gamma   90.00
#
_symmetry.space_group_name_H-M   'P 1 21 1'
#
loop_
_entity.id
_entity.type
_entity.pdbx_description
1 polymer neopullulanase
2 branched alpha-D-glucopyranose-(1-6)-alpha-D-glucopyranose-(1-4)-alpha-D-glucopyranose
3 water water
#
_entity_poly.entity_id   1
_entity_poly.type   'polypeptide(L)'
_entity_poly.pdbx_seq_one_letter_code
;MRKEAIYHRPADNFAYAYDSETLHLRLRTKKDDIDRVELLHGDPYDWQNGAWQFQMMPMRKTGSDELFDYWFAEVKPPYR
RLRYGFVLYSGEEKLVYTEKGFYFEVPTDDTAYYFCFPFLHRVDLFEAPDWVKDTVWYQIFPERFANGNPSISPEGSRPW
GSEDPTPTSFFGGDLQGIIDHLDYLVDLGITGIYLTPIFRSPSNHKYDTADYFEVDPHFGDKETLKTLIDRCHEKGIRVM
LDAVFNHCGYEFAPFQDVWKNGESSKYKDWFHIHEFPLQTEPRPNYDTFAFVPQMPKLNTANPEVKRYLLDVATYWIREF
DIDGWRLDVANEIDHEFWREFRQEVKALKPDVYILGEIWHDAMPWLRGDQFDAVMNYPFTDGVLRFFAKEEISARQFANQ
MMHVLHSYPNNVNEAAFNLLGSHDTSRILTVCGGDIRKVKLLFLFQLTFTGSPCIYYGDEIGMTGGNDPECRKCMVWDPM
QQNKELHQHVKQLIALRKQYRSLRRGEISFLHADDEMNYLIYKKTDGDETVLVIINRSDQKADIPIPLDARGTWLVNLLT
GERFAAEAETLCTSLPPYGFVLYAIEHW
;
_entity_poly.pdbx_strand_id   A,B
#
loop_
_chem_comp.id
_chem_comp.type
_chem_comp.name
_chem_comp.formula
GLC D-saccharide, alpha linking alpha-D-glucopyranose 'C6 H12 O6'
#
# COMPACT_ATOMS: atom_id res chain seq x y z
N MET A 1 6.74 28.14 7.54
CA MET A 1 6.22 26.74 7.52
C MET A 1 7.32 25.74 7.18
N ARG A 2 7.30 24.59 7.86
CA ARG A 2 8.31 23.55 7.61
C ARG A 2 7.80 22.54 6.59
N LYS A 3 8.33 22.63 5.38
CA LYS A 3 7.94 21.74 4.30
C LYS A 3 8.36 20.29 4.57
N GLU A 4 9.47 20.09 5.28
CA GLU A 4 9.95 18.74 5.59
C GLU A 4 8.97 17.96 6.45
N ALA A 5 8.07 18.66 7.12
CA ALA A 5 7.11 18.02 8.01
C ALA A 5 5.74 17.79 7.37
N ILE A 6 5.49 18.42 6.22
CA ILE A 6 4.21 18.30 5.53
C ILE A 6 4.17 17.00 4.73
N TYR A 7 3.08 16.24 4.88
CA TYR A 7 2.99 14.97 4.16
C TYR A 7 1.61 14.46 3.79
N HIS A 8 1.55 13.83 2.62
CA HIS A 8 0.36 13.20 2.11
C HIS A 8 0.75 12.34 0.93
N ARG A 9 0.09 11.20 0.80
CA ARG A 9 0.30 10.32 -0.34
C ARG A 9 -0.98 9.53 -0.53
N PRO A 10 -1.66 9.73 -1.68
CA PRO A 10 -2.92 9.16 -2.17
C PRO A 10 -3.21 7.69 -1.98
N ALA A 11 -3.15 7.23 -0.73
CA ALA A 11 -3.42 5.84 -0.41
C ALA A 11 -3.44 5.63 1.10
N ASP A 12 -3.62 4.37 1.49
CA ASP A 12 -3.63 3.97 2.89
C ASP A 12 -4.48 4.85 3.82
N ASN A 13 -3.86 5.39 4.85
CA ASN A 13 -4.56 6.23 5.82
C ASN A 13 -4.75 7.69 5.40
N PHE A 14 -4.05 8.11 4.35
CA PHE A 14 -4.13 9.51 3.88
C PHE A 14 -5.21 9.80 2.83
N ALA A 15 -5.62 8.77 2.10
CA ALA A 15 -6.63 8.92 1.06
C ALA A 15 -7.35 7.60 0.85
N TYR A 16 -8.66 7.60 1.11
CA TYR A 16 -9.42 6.38 0.98
C TYR A 16 -10.91 6.67 0.90
N ALA A 17 -11.67 5.71 0.39
CA ALA A 17 -13.11 5.87 0.30
C ALA A 17 -13.66 5.44 1.65
N TYR A 18 -14.60 6.20 2.20
CA TYR A 18 -15.19 5.83 3.48
C TYR A 18 -16.41 4.98 3.18
N ASP A 19 -17.04 5.29 2.04
CA ASP A 19 -18.21 4.59 1.55
C ASP A 19 -18.28 4.81 0.04
N SER A 20 -19.31 4.26 -0.59
CA SER A 20 -19.48 4.35 -2.04
C SER A 20 -19.48 5.73 -2.67
N GLU A 21 -19.54 6.80 -1.88
CA GLU A 21 -19.57 8.12 -2.48
C GLU A 21 -18.75 9.17 -1.74
N THR A 22 -18.17 8.80 -0.62
CA THR A 22 -17.40 9.74 0.18
C THR A 22 -15.94 9.34 0.29
N LEU A 23 -15.05 10.32 0.13
CA LEU A 23 -13.62 10.07 0.24
C LEU A 23 -13.12 10.80 1.47
N HIS A 24 -12.16 10.20 2.14
CA HIS A 24 -11.56 10.83 3.30
C HIS A 24 -10.17 11.21 2.87
N LEU A 25 -9.70 12.39 3.29
CA LEU A 25 -8.38 12.84 2.95
C LEU A 25 -7.73 13.42 4.18
N ARG A 26 -6.49 12.99 4.45
CA ARG A 26 -5.76 13.49 5.60
C ARG A 26 -4.50 14.17 5.11
N LEU A 27 -3.91 14.94 6.01
CA LEU A 27 -2.67 15.65 5.76
C LEU A 27 -2.02 15.79 7.12
N ARG A 28 -0.70 15.68 7.20
CA ARG A 28 -0.07 15.89 8.49
C ARG A 28 1.01 16.93 8.29
N THR A 29 1.10 17.82 9.26
CA THR A 29 2.06 18.90 9.23
C THR A 29 2.74 18.95 10.59
N LYS A 30 3.72 19.83 10.74
CA LYS A 30 4.41 19.95 12.01
C LYS A 30 3.45 20.52 13.03
N LYS A 31 3.41 19.92 14.21
CA LYS A 31 2.50 20.36 15.27
C LYS A 31 2.57 21.88 15.51
N ASP A 32 1.41 22.53 15.40
CA ASP A 32 1.29 23.98 15.60
C ASP A 32 2.00 24.84 14.59
N ASP A 33 2.44 24.24 13.48
CA ASP A 33 3.14 25.00 12.46
C ASP A 33 2.21 25.66 11.45
N ILE A 34 0.97 25.16 11.36
CA ILE A 34 0.00 25.69 10.41
C ILE A 34 -1.27 26.11 11.12
N ASP A 35 -1.80 27.28 10.79
CA ASP A 35 -3.04 27.78 11.42
C ASP A 35 -4.27 27.12 10.78
N ARG A 36 -4.27 27.06 9.46
CA ARG A 36 -5.41 26.48 8.77
C ARG A 36 -4.95 25.73 7.53
N VAL A 37 -5.75 24.76 7.13
CA VAL A 37 -5.46 23.99 5.94
C VAL A 37 -6.76 23.89 5.17
N GLU A 38 -6.69 24.11 3.86
CA GLU A 38 -7.87 23.99 3.05
C GLU A 38 -7.59 22.96 1.98
N LEU A 39 -8.59 22.11 1.73
CA LEU A 39 -8.43 21.10 0.71
C LEU A 39 -8.86 21.74 -0.61
N LEU A 40 -8.01 21.64 -1.62
CA LEU A 40 -8.33 22.16 -2.93
C LEU A 40 -8.76 20.91 -3.70
N HIS A 41 -9.93 20.96 -4.35
CA HIS A 41 -10.40 19.78 -5.06
C HIS A 41 -11.31 20.06 -6.23
N GLY A 42 -11.38 19.11 -7.15
CA GLY A 42 -12.23 19.25 -8.31
C GLY A 42 -12.18 18.01 -9.17
N ASP A 43 -13.08 17.93 -10.14
CA ASP A 43 -13.11 16.80 -11.04
C ASP A 43 -11.96 17.06 -12.00
N PRO A 44 -11.15 16.03 -12.30
CA PRO A 44 -10.03 16.25 -13.21
C PRO A 44 -10.40 16.59 -14.65
N TYR A 45 -11.69 16.49 -14.98
CA TYR A 45 -12.13 16.79 -16.35
C TYR A 45 -13.13 17.94 -16.41
N ASP A 46 -13.24 18.68 -15.33
CA ASP A 46 -14.17 19.80 -15.28
C ASP A 46 -13.43 21.08 -15.63
N TRP A 47 -13.53 21.49 -16.89
CA TRP A 47 -12.88 22.71 -17.36
C TRP A 47 -13.88 23.64 -18.01
N GLN A 48 -13.63 24.94 -17.84
CA GLN A 48 -14.47 25.99 -18.42
C GLN A 48 -13.57 27.20 -18.64
N ASN A 49 -13.48 27.63 -19.90
CA ASN A 49 -12.64 28.77 -20.26
C ASN A 49 -11.19 28.42 -19.96
N GLY A 50 -10.78 27.23 -20.40
CA GLY A 50 -9.41 26.79 -20.18
C GLY A 50 -9.04 26.85 -18.71
N ALA A 51 -10.05 26.79 -17.85
CA ALA A 51 -9.83 26.86 -16.41
C ALA A 51 -10.36 25.65 -15.64
N TRP A 52 -9.45 24.86 -15.08
CA TRP A 52 -9.84 23.70 -14.29
C TRP A 52 -10.65 24.20 -13.12
N GLN A 53 -11.86 23.66 -12.96
CA GLN A 53 -12.74 24.06 -11.88
C GLN A 53 -12.48 23.30 -10.58
N PHE A 54 -12.27 24.04 -9.50
CA PHE A 54 -12.02 23.45 -8.20
C PHE A 54 -12.58 24.34 -7.11
N GLN A 55 -12.70 23.80 -5.90
CA GLN A 55 -13.22 24.55 -4.78
C GLN A 55 -12.30 24.41 -3.57
N MET A 56 -12.58 25.18 -2.53
CA MET A 56 -11.78 25.16 -1.33
C MET A 56 -12.62 24.70 -0.15
N MET A 57 -12.13 23.70 0.57
CA MET A 57 -12.82 23.18 1.73
C MET A 57 -11.87 23.19 2.91
N PRO A 58 -12.19 23.96 3.96
CA PRO A 58 -11.28 23.99 5.12
C PRO A 58 -11.20 22.62 5.76
N MET A 59 -10.00 22.21 6.18
CA MET A 59 -9.82 20.91 6.82
C MET A 59 -9.79 21.09 8.34
N ARG A 60 -10.34 20.11 9.05
CA ARG A 60 -10.38 20.18 10.50
C ARG A 60 -9.25 19.39 11.15
N LYS A 61 -8.56 20.01 12.11
CA LYS A 61 -7.49 19.32 12.81
C LYS A 61 -8.18 18.32 13.71
N THR A 62 -7.98 17.03 13.45
CA THR A 62 -8.63 16.00 14.25
C THR A 62 -7.80 15.56 15.46
N GLY A 63 -6.53 15.96 15.49
CA GLY A 63 -5.69 15.57 16.61
C GLY A 63 -4.23 15.77 16.28
N SER A 64 -3.37 15.41 17.23
CA SER A 64 -1.94 15.56 16.98
C SER A 64 -1.15 14.64 17.88
N ASP A 65 -0.02 14.16 17.38
CA ASP A 65 0.83 13.30 18.19
C ASP A 65 2.05 14.10 18.61
N GLU A 66 3.11 13.40 19.00
CA GLU A 66 4.32 14.07 19.44
C GLU A 66 4.85 15.11 18.45
N LEU A 67 4.80 14.79 17.15
CA LEU A 67 5.37 15.70 16.15
C LEU A 67 4.45 16.40 15.17
N PHE A 68 3.25 15.87 14.92
CA PHE A 68 2.41 16.49 13.92
C PHE A 68 0.98 16.79 14.33
N ASP A 69 0.29 17.49 13.42
CA ASP A 69 -1.11 17.82 13.54
C ASP A 69 -1.66 17.04 12.37
N TYR A 70 -2.84 16.45 12.52
CA TYR A 70 -3.42 15.71 11.43
C TYR A 70 -4.68 16.46 11.05
N TRP A 71 -4.83 16.72 9.75
CA TRP A 71 -5.98 17.43 9.24
C TRP A 71 -6.93 16.50 8.48
N PHE A 72 -8.22 16.76 8.59
CA PHE A 72 -9.23 15.92 7.98
C PHE A 72 -10.22 16.66 7.08
N ALA A 73 -10.73 15.93 6.10
CA ALA A 73 -11.71 16.49 5.18
C ALA A 73 -12.37 15.37 4.41
N GLU A 74 -13.70 15.41 4.33
CA GLU A 74 -14.42 14.41 3.56
C GLU A 74 -15.01 15.14 2.36
N VAL A 75 -15.15 14.46 1.24
CA VAL A 75 -15.69 15.09 0.05
C VAL A 75 -16.37 14.05 -0.82
N LYS A 76 -17.52 14.42 -1.37
CA LYS A 76 -18.26 13.54 -2.25
C LYS A 76 -17.98 14.02 -3.66
N PRO A 77 -17.06 13.35 -4.38
CA PRO A 77 -16.75 13.77 -5.74
C PRO A 77 -18.01 13.74 -6.58
N PRO A 78 -18.32 14.85 -7.26
CA PRO A 78 -19.53 14.90 -8.09
C PRO A 78 -19.67 13.70 -9.02
N TYR A 79 -18.58 13.32 -9.68
CA TYR A 79 -18.61 12.18 -10.58
C TYR A 79 -17.62 11.11 -10.13
N ARG A 80 -17.42 11.02 -8.81
CA ARG A 80 -16.53 10.04 -8.22
C ARG A 80 -15.05 10.07 -8.62
N ARG A 81 -14.61 11.18 -9.21
CA ARG A 81 -13.22 11.35 -9.64
C ARG A 81 -12.65 12.58 -8.94
N LEU A 82 -11.36 12.58 -8.64
CA LEU A 82 -10.81 13.72 -7.94
C LEU A 82 -9.32 13.99 -8.08
N ARG A 83 -8.99 15.28 -8.19
CA ARG A 83 -7.61 15.76 -8.25
C ARG A 83 -7.61 16.75 -7.13
N TYR A 84 -6.59 16.71 -6.28
CA TYR A 84 -6.59 17.64 -5.16
C TYR A 84 -5.23 18.10 -4.69
N GLY A 85 -5.26 19.13 -3.86
CA GLY A 85 -4.05 19.69 -3.29
C GLY A 85 -4.37 20.20 -1.89
N PHE A 86 -3.40 20.85 -1.28
CA PHE A 86 -3.58 21.38 0.07
C PHE A 86 -3.00 22.78 0.17
N VAL A 87 -3.80 23.71 0.65
CA VAL A 87 -3.35 25.08 0.80
C VAL A 87 -3.17 25.31 2.28
N LEU A 88 -1.92 25.55 2.68
CA LEU A 88 -1.59 25.76 4.07
C LEU A 88 -1.41 27.25 4.35
N TYR A 89 -1.90 27.69 5.51
CA TYR A 89 -1.81 29.09 5.90
C TYR A 89 -1.11 29.28 7.24
N SER A 90 -0.30 30.33 7.31
CA SER A 90 0.42 30.67 8.53
C SER A 90 0.80 32.14 8.40
N GLY A 91 0.19 32.99 9.22
CA GLY A 91 0.48 34.40 9.12
C GLY A 91 0.09 34.86 7.72
N GLU A 92 1.01 35.52 7.03
CA GLU A 92 0.77 35.97 5.66
C GLU A 92 1.34 34.94 4.69
N GLU A 93 1.93 33.89 5.24
CA GLU A 93 2.54 32.84 4.44
C GLU A 93 1.46 31.95 3.83
N LYS A 94 1.67 31.51 2.61
CA LYS A 94 0.70 30.64 1.95
C LYS A 94 1.45 29.58 1.19
N LEU A 95 0.92 28.36 1.21
CA LEU A 95 1.56 27.26 0.51
C LEU A 95 0.57 26.31 -0.12
N VAL A 96 0.85 25.95 -1.36
CA VAL A 96 0.01 25.02 -2.09
C VAL A 96 0.83 23.73 -2.21
N TYR A 97 0.51 22.76 -1.37
CA TYR A 97 1.19 21.47 -1.38
C TYR A 97 0.51 20.54 -2.37
N THR A 98 1.27 20.08 -3.35
CA THR A 98 0.75 19.19 -4.37
C THR A 98 1.74 18.06 -4.66
N GLU A 99 1.36 17.10 -5.50
CA GLU A 99 2.21 15.98 -5.83
C GLU A 99 3.53 16.44 -6.48
N LYS A 100 3.51 17.60 -7.10
CA LYS A 100 4.72 18.11 -7.74
C LYS A 100 5.46 19.10 -6.86
N GLY A 101 5.23 19.04 -5.56
CA GLY A 101 5.91 19.94 -4.67
C GLY A 101 5.06 21.11 -4.22
N PHE A 102 5.71 22.12 -3.68
CA PHE A 102 5.03 23.30 -3.19
C PHE A 102 5.02 24.46 -4.15
N TYR A 103 3.91 25.20 -4.11
CA TYR A 103 3.72 26.38 -4.93
C TYR A 103 3.29 27.47 -3.97
N PHE A 104 3.31 28.72 -4.42
CA PHE A 104 2.92 29.84 -3.56
C PHE A 104 1.56 30.38 -3.94
N GLU A 105 0.99 29.77 -4.96
CA GLU A 105 -0.33 30.14 -5.43
C GLU A 105 -0.83 29.00 -6.31
N VAL A 106 -2.12 28.70 -6.18
CA VAL A 106 -2.73 27.62 -6.93
C VAL A 106 -2.50 27.65 -8.44
N PRO A 107 -1.75 26.67 -8.95
CA PRO A 107 -1.51 26.67 -10.40
C PRO A 107 -2.77 26.04 -11.01
N THR A 108 -3.25 26.57 -12.12
CA THR A 108 -4.46 26.05 -12.74
C THR A 108 -4.36 25.80 -14.23
N ASP A 109 -3.16 25.83 -14.76
CA ASP A 109 -2.98 25.61 -16.18
C ASP A 109 -3.02 24.11 -16.50
N ASP A 110 -3.06 23.30 -15.45
CA ASP A 110 -3.07 21.85 -15.63
C ASP A 110 -3.35 21.11 -14.32
N THR A 111 -3.81 19.87 -14.42
CA THR A 111 -4.13 19.06 -13.24
C THR A 111 -3.00 18.15 -12.78
N ALA A 112 -1.97 18.00 -13.60
CA ALA A 112 -0.85 17.14 -13.27
C ALA A 112 -0.14 17.43 -11.95
N TYR A 113 -0.25 18.66 -11.43
CA TYR A 113 0.42 18.99 -10.17
C TYR A 113 -0.18 18.27 -8.99
N TYR A 114 -1.51 18.11 -9.05
CA TYR A 114 -2.29 17.54 -7.97
C TYR A 114 -2.36 16.04 -7.75
N PHE A 115 -2.50 15.66 -6.48
CA PHE A 115 -2.63 14.27 -6.11
C PHE A 115 -3.87 13.80 -6.82
N CYS A 116 -4.04 12.49 -6.92
CA CYS A 116 -5.21 11.98 -7.60
C CYS A 116 -5.85 10.74 -7.00
N PHE A 117 -7.17 10.78 -6.94
CA PHE A 117 -7.95 9.64 -6.48
C PHE A 117 -8.83 9.45 -7.70
N PRO A 118 -8.31 8.71 -8.68
CA PRO A 118 -8.93 8.37 -9.97
C PRO A 118 -10.41 8.07 -9.99
N PHE A 119 -10.85 7.11 -9.19
CA PHE A 119 -12.27 6.77 -9.18
C PHE A 119 -12.69 6.01 -7.92
N LEU A 120 -13.87 6.34 -7.42
CA LEU A 120 -14.40 5.70 -6.23
C LEU A 120 -15.16 4.43 -6.61
N HIS A 121 -14.64 3.26 -6.23
CA HIS A 121 -15.29 1.97 -6.54
C HIS A 121 -15.79 1.23 -5.30
N ARG A 122 -17.02 0.74 -5.36
CA ARG A 122 -17.58 0.01 -4.24
C ARG A 122 -16.75 -1.24 -3.98
N VAL A 123 -16.24 -1.81 -5.07
CA VAL A 123 -15.45 -3.03 -5.01
C VAL A 123 -14.11 -2.91 -4.28
N ASP A 124 -13.48 -1.74 -4.35
CA ASP A 124 -12.19 -1.53 -3.70
C ASP A 124 -12.36 -0.97 -2.29
N LEU A 125 -13.60 -0.70 -1.92
CA LEU A 125 -13.92 -0.14 -0.63
C LEU A 125 -13.56 -1.05 0.56
N PHE A 126 -13.15 -0.46 1.67
CA PHE A 126 -12.84 -1.27 2.85
C PHE A 126 -14.16 -1.45 3.58
N GLU A 127 -14.50 -2.70 3.91
CA GLU A 127 -15.75 -2.94 4.59
C GLU A 127 -15.70 -4.18 5.47
N ALA A 128 -15.83 -3.97 6.78
CA ALA A 128 -15.80 -5.08 7.73
C ALA A 128 -17.22 -5.37 8.20
N PRO A 129 -17.47 -6.60 8.67
CA PRO A 129 -18.81 -6.96 9.14
C PRO A 129 -19.27 -5.95 10.21
N ASP A 130 -20.31 -5.19 9.87
CA ASP A 130 -20.84 -4.15 10.74
C ASP A 130 -21.13 -4.51 12.19
N TRP A 131 -21.58 -5.74 12.42
CA TRP A 131 -21.90 -6.18 13.76
C TRP A 131 -20.74 -6.23 14.75
N VAL A 132 -19.49 -6.31 14.28
CA VAL A 132 -18.38 -6.36 15.22
C VAL A 132 -18.15 -5.01 15.91
N LYS A 133 -18.71 -3.96 15.32
CA LYS A 133 -18.58 -2.63 15.86
C LYS A 133 -19.27 -2.51 17.21
N ASP A 134 -20.36 -3.23 17.41
CA ASP A 134 -21.09 -3.15 18.67
C ASP A 134 -20.82 -4.33 19.57
N THR A 135 -19.89 -5.18 19.14
CA THR A 135 -19.52 -6.38 19.88
C THR A 135 -18.43 -6.15 20.93
N VAL A 136 -18.51 -6.92 22.01
CA VAL A 136 -17.52 -6.90 23.07
C VAL A 136 -17.14 -8.36 23.17
N TRP A 137 -15.92 -8.68 22.71
CA TRP A 137 -15.45 -10.05 22.73
C TRP A 137 -14.93 -10.52 24.07
N TYR A 138 -14.83 -11.84 24.22
CA TYR A 138 -14.33 -12.48 25.42
C TYR A 138 -13.45 -13.63 24.90
N GLN A 139 -12.17 -13.62 25.26
CA GLN A 139 -11.25 -14.66 24.80
C GLN A 139 -11.15 -15.84 25.76
N ILE A 140 -11.29 -17.04 25.21
CA ILE A 140 -11.25 -18.26 26.00
C ILE A 140 -10.15 -19.24 25.55
N PHE A 141 -9.39 -19.72 26.53
CA PHE A 141 -8.33 -20.71 26.32
C PHE A 141 -9.01 -21.98 26.85
N PRO A 142 -9.69 -22.72 25.99
CA PRO A 142 -10.43 -23.96 26.34
C PRO A 142 -9.84 -24.88 27.40
N GLU A 143 -8.56 -25.21 27.31
CA GLU A 143 -7.95 -26.11 28.29
C GLU A 143 -8.09 -25.58 29.71
N ARG A 144 -8.37 -24.28 29.85
CA ARG A 144 -8.44 -23.67 31.16
C ARG A 144 -9.74 -22.96 31.57
N PHE A 145 -10.78 -23.07 30.76
CA PHE A 145 -12.01 -22.36 31.12
C PHE A 145 -12.92 -23.14 32.06
N ALA A 146 -13.28 -24.37 31.69
CA ALA A 146 -14.16 -25.17 32.55
C ALA A 146 -14.26 -26.63 32.13
N ASN A 147 -14.07 -27.52 33.10
CA ASN A 147 -14.14 -28.95 32.87
C ASN A 147 -15.58 -29.46 32.96
N GLY A 148 -16.30 -29.37 31.84
CA GLY A 148 -17.69 -29.82 31.83
C GLY A 148 -17.87 -31.28 31.45
N ASN A 149 -16.76 -31.98 31.28
CA ASN A 149 -16.80 -33.41 30.92
C ASN A 149 -15.50 -34.07 31.35
N PRO A 150 -15.42 -34.49 32.62
CA PRO A 150 -14.24 -35.14 33.20
C PRO A 150 -13.71 -36.40 32.51
N SER A 151 -14.59 -37.13 31.82
CA SER A 151 -14.14 -38.36 31.18
C SER A 151 -13.21 -38.18 29.99
N ILE A 152 -13.36 -37.07 29.27
CA ILE A 152 -12.51 -36.82 28.10
C ILE A 152 -11.22 -36.08 28.45
N SER A 153 -11.09 -35.65 29.70
CA SER A 153 -9.90 -34.94 30.14
C SER A 153 -8.69 -35.87 29.96
N PRO A 154 -7.55 -35.32 29.54
CA PRO A 154 -6.37 -36.17 29.35
C PRO A 154 -5.88 -36.65 30.72
N GLU A 155 -5.60 -37.94 30.86
CA GLU A 155 -5.12 -38.45 32.13
C GLU A 155 -3.91 -37.60 32.51
N GLY A 156 -3.71 -37.42 33.81
CA GLY A 156 -2.59 -36.60 34.25
C GLY A 156 -3.06 -35.18 34.51
N SER A 157 -4.34 -34.93 34.29
CA SER A 157 -4.92 -33.61 34.52
C SER A 157 -4.86 -33.26 35.99
N ARG A 158 -4.42 -32.05 36.28
CA ARG A 158 -4.32 -31.57 37.65
C ARG A 158 -5.68 -31.12 38.19
N PRO A 159 -5.84 -31.15 39.54
CA PRO A 159 -7.12 -30.73 40.11
C PRO A 159 -7.30 -29.26 39.75
N TRP A 160 -8.51 -28.90 39.33
CA TRP A 160 -8.81 -27.54 38.92
C TRP A 160 -8.22 -26.44 39.80
N GLY A 161 -7.37 -25.61 39.20
CA GLY A 161 -6.76 -24.51 39.94
C GLY A 161 -5.92 -24.94 41.14
N SER A 162 -5.48 -26.20 41.14
CA SER A 162 -4.68 -26.72 42.25
C SER A 162 -3.26 -26.17 42.23
N GLU A 163 -2.81 -25.73 41.06
CA GLU A 163 -1.48 -25.19 40.89
C GLU A 163 -1.39 -24.26 39.69
N ASP A 164 -0.21 -23.67 39.51
CA ASP A 164 0.03 -22.79 38.39
C ASP A 164 0.33 -23.65 37.19
N PRO A 165 -0.16 -23.26 36.00
CA PRO A 165 0.08 -24.05 34.80
C PRO A 165 1.55 -24.03 34.38
N THR A 166 1.92 -25.02 33.58
CA THR A 166 3.28 -25.13 33.07
C THR A 166 3.11 -25.25 31.57
N PRO A 167 4.22 -25.29 30.82
CA PRO A 167 4.03 -25.42 29.37
C PRO A 167 3.29 -26.69 28.97
N THR A 168 3.34 -27.71 29.83
CA THR A 168 2.70 -28.99 29.49
C THR A 168 1.62 -29.53 30.43
N SER A 169 1.30 -28.80 31.49
CA SER A 169 0.27 -29.26 32.43
C SER A 169 -1.11 -29.25 31.78
N PHE A 170 -2.03 -30.04 32.34
CA PHE A 170 -3.39 -30.15 31.85
C PHE A 170 -4.36 -30.04 33.03
N PHE A 171 -5.50 -29.42 32.82
CA PHE A 171 -6.49 -29.28 33.90
C PHE A 171 -7.87 -29.77 33.48
N GLY A 172 -7.98 -30.19 32.23
CA GLY A 172 -9.24 -30.73 31.76
C GLY A 172 -10.28 -29.81 31.17
N GLY A 173 -9.94 -28.56 30.88
CA GLY A 173 -10.92 -27.68 30.29
C GLY A 173 -11.46 -28.27 29.00
N ASP A 174 -12.72 -28.01 28.69
CA ASP A 174 -13.34 -28.55 27.47
C ASP A 174 -14.46 -27.66 26.93
N LEU A 175 -14.94 -27.98 25.74
CA LEU A 175 -16.01 -27.21 25.10
C LEU A 175 -17.31 -27.26 25.89
N GLN A 176 -17.55 -28.38 26.56
CA GLN A 176 -18.77 -28.52 27.34
C GLN A 176 -18.77 -27.50 28.48
N GLY A 177 -17.60 -27.33 29.11
CA GLY A 177 -17.48 -26.39 30.22
C GLY A 177 -17.77 -24.96 29.81
N ILE A 178 -17.64 -24.66 28.52
CA ILE A 178 -17.92 -23.33 28.01
C ILE A 178 -19.42 -23.16 27.98
N ILE A 179 -20.09 -24.15 27.40
CA ILE A 179 -21.55 -24.16 27.31
C ILE A 179 -22.15 -23.99 28.70
N ASP A 180 -21.64 -24.75 29.66
CA ASP A 180 -22.16 -24.69 31.03
C ASP A 180 -22.03 -23.32 31.69
N HIS A 181 -21.16 -22.47 31.17
CA HIS A 181 -20.99 -21.14 31.75
C HIS A 181 -21.40 -19.97 30.88
N LEU A 182 -22.11 -20.23 29.79
CA LEU A 182 -22.53 -19.15 28.91
C LEU A 182 -23.41 -18.13 29.61
N ASP A 183 -24.20 -18.56 30.59
CA ASP A 183 -25.07 -17.64 31.31
C ASP A 183 -24.23 -16.59 32.05
N TYR A 184 -23.04 -17.01 32.49
CA TYR A 184 -22.15 -16.11 33.19
C TYR A 184 -21.70 -15.02 32.22
N LEU A 185 -21.45 -15.40 30.97
CA LEU A 185 -21.02 -14.45 29.96
C LEU A 185 -22.14 -13.53 29.52
N VAL A 186 -23.32 -14.08 29.30
CA VAL A 186 -24.46 -13.27 28.90
C VAL A 186 -24.71 -12.18 29.93
N ASP A 187 -24.73 -12.58 31.20
CA ASP A 187 -24.94 -11.63 32.27
C ASP A 187 -23.88 -10.53 32.26
N LEU A 188 -22.62 -10.91 32.01
CA LEU A 188 -21.54 -9.95 31.97
C LEU A 188 -21.74 -8.94 30.86
N GLY A 189 -22.41 -9.36 29.79
CA GLY A 189 -22.67 -8.46 28.67
C GLY A 189 -21.97 -8.84 27.37
N ILE A 190 -21.16 -9.89 27.43
CA ILE A 190 -20.40 -10.37 26.28
C ILE A 190 -21.26 -10.81 25.08
N THR A 191 -20.86 -10.40 23.88
CA THR A 191 -21.60 -10.78 22.69
C THR A 191 -20.70 -11.43 21.65
N GLY A 192 -19.48 -11.76 22.07
CA GLY A 192 -18.54 -12.39 21.17
C GLY A 192 -17.55 -13.28 21.89
N ILE A 193 -17.36 -14.49 21.36
CA ILE A 193 -16.41 -15.41 21.97
C ILE A 193 -15.30 -15.79 20.99
N TYR A 194 -14.06 -15.55 21.41
CA TYR A 194 -12.89 -15.88 20.62
C TYR A 194 -12.15 -17.04 21.30
N LEU A 195 -12.11 -18.17 20.60
CA LEU A 195 -11.45 -19.36 21.12
C LEU A 195 -10.04 -19.55 20.52
N THR A 196 -9.11 -19.97 21.36
CA THR A 196 -7.76 -20.27 20.89
C THR A 196 -7.96 -21.64 20.23
N PRO A 197 -6.93 -22.17 19.54
CA PRO A 197 -7.06 -23.47 18.86
C PRO A 197 -7.83 -24.60 19.55
N ILE A 198 -8.71 -25.26 18.80
CA ILE A 198 -9.49 -26.37 19.31
C ILE A 198 -9.45 -27.63 18.44
N PHE A 199 -8.56 -27.63 17.44
CA PHE A 199 -8.43 -28.78 16.56
C PHE A 199 -7.41 -29.77 17.12
N ARG A 200 -7.47 -31.04 16.71
CA ARG A 200 -6.57 -32.04 17.27
C ARG A 200 -5.09 -31.63 17.28
N SER A 201 -4.50 -31.75 18.47
CA SER A 201 -3.11 -31.41 18.70
C SER A 201 -2.75 -32.01 20.05
N PRO A 202 -1.47 -32.38 20.25
CA PRO A 202 -1.00 -32.97 21.50
C PRO A 202 -0.72 -32.02 22.65
N SER A 203 -0.67 -30.72 22.37
CA SER A 203 -0.37 -29.72 23.41
C SER A 203 -1.61 -29.17 24.13
N ASN A 204 -1.37 -28.37 25.18
CA ASN A 204 -2.48 -27.76 25.92
C ASN A 204 -2.92 -26.45 25.27
N HIS A 205 -2.09 -25.92 24.38
CA HIS A 205 -2.38 -24.68 23.69
C HIS A 205 -2.85 -25.01 22.28
N LYS A 206 -2.35 -26.12 21.77
CA LYS A 206 -2.75 -26.63 20.47
C LYS A 206 -2.44 -25.79 19.24
N TYR A 207 -1.35 -25.01 19.31
CA TYR A 207 -0.96 -24.19 18.18
C TYR A 207 -0.12 -25.02 17.21
N ASP A 208 0.20 -26.25 17.60
CA ASP A 208 0.94 -27.19 16.74
C ASP A 208 -0.05 -28.27 16.34
N THR A 209 -0.87 -27.94 15.35
CA THR A 209 -1.94 -28.77 14.83
C THR A 209 -1.59 -30.12 14.24
N ALA A 210 -2.42 -31.12 14.52
CA ALA A 210 -2.22 -32.47 13.99
C ALA A 210 -3.24 -32.71 12.89
N ASP A 211 -4.43 -32.16 13.06
CA ASP A 211 -5.49 -32.34 12.07
C ASP A 211 -6.49 -31.19 12.16
N TYR A 212 -6.48 -30.34 11.13
CA TYR A 212 -7.35 -29.17 11.08
C TYR A 212 -8.83 -29.48 10.87
N PHE A 213 -9.14 -30.72 10.47
CA PHE A 213 -10.53 -31.11 10.26
C PHE A 213 -11.11 -31.87 11.45
N GLU A 214 -10.34 -31.96 12.53
CA GLU A 214 -10.79 -32.69 13.71
C GLU A 214 -10.73 -31.87 14.99
N VAL A 215 -11.82 -31.90 15.75
CA VAL A 215 -11.86 -31.21 17.02
C VAL A 215 -11.02 -32.09 17.95
N ASP A 216 -10.16 -31.49 18.76
CA ASP A 216 -9.36 -32.31 19.66
C ASP A 216 -10.31 -33.11 20.55
N PRO A 217 -10.10 -34.43 20.63
CA PRO A 217 -10.96 -35.30 21.46
C PRO A 217 -11.02 -34.90 22.93
N HIS A 218 -9.98 -34.22 23.41
CA HIS A 218 -9.94 -33.80 24.80
C HIS A 218 -10.85 -32.60 25.05
N PHE A 219 -11.20 -31.85 24.02
CA PHE A 219 -12.08 -30.70 24.20
C PHE A 219 -13.50 -31.11 23.92
N GLY A 220 -13.66 -32.13 23.09
CA GLY A 220 -14.99 -32.60 22.77
C GLY A 220 -15.06 -33.16 21.37
N ASP A 221 -16.26 -33.17 20.79
CA ASP A 221 -16.47 -33.68 19.45
C ASP A 221 -17.13 -32.62 18.60
N LYS A 222 -17.35 -32.92 17.34
CA LYS A 222 -17.97 -31.96 16.45
C LYS A 222 -19.38 -31.59 16.91
N GLU A 223 -20.13 -32.58 17.39
CA GLU A 223 -21.49 -32.35 17.86
C GLU A 223 -21.49 -31.38 19.04
N THR A 224 -20.46 -31.49 19.86
CA THR A 224 -20.32 -30.64 21.04
C THR A 224 -20.03 -29.20 20.63
N LEU A 225 -19.20 -29.03 19.60
CA LEU A 225 -18.85 -27.71 19.10
C LEU A 225 -20.07 -27.07 18.48
N LYS A 226 -20.80 -27.87 17.69
CA LYS A 226 -22.01 -27.41 17.01
C LYS A 226 -23.03 -26.91 18.03
N THR A 227 -23.11 -27.60 19.17
CA THR A 227 -24.04 -27.23 20.22
C THR A 227 -23.59 -25.91 20.85
N LEU A 228 -22.30 -25.81 21.17
CA LEU A 228 -21.73 -24.61 21.77
C LEU A 228 -22.04 -23.40 20.90
N ILE A 229 -21.83 -23.54 19.60
CA ILE A 229 -22.08 -22.46 18.65
C ILE A 229 -23.56 -22.08 18.57
N ASP A 230 -24.41 -23.09 18.47
CA ASP A 230 -25.85 -22.83 18.40
C ASP A 230 -26.35 -22.26 19.72
N ARG A 231 -25.79 -22.76 20.82
CA ARG A 231 -26.18 -22.30 22.15
C ARG A 231 -25.75 -20.83 22.28
N CYS A 232 -24.65 -20.47 21.62
CA CYS A 232 -24.16 -19.09 21.64
C CYS A 232 -25.06 -18.20 20.80
N HIS A 233 -25.37 -18.65 19.59
CA HIS A 233 -26.23 -17.85 18.71
C HIS A 233 -27.58 -17.61 19.38
N GLU A 234 -28.04 -18.59 20.14
CA GLU A 234 -29.32 -18.47 20.83
C GLU A 234 -29.30 -17.25 21.73
N LYS A 235 -28.15 -17.01 22.35
CA LYS A 235 -27.98 -15.90 23.27
C LYS A 235 -27.38 -14.63 22.66
N GLY A 236 -27.37 -14.54 21.33
CA GLY A 236 -26.82 -13.36 20.69
C GLY A 236 -25.32 -13.22 20.83
N ILE A 237 -24.61 -14.34 20.82
CA ILE A 237 -23.16 -14.36 20.95
C ILE A 237 -22.54 -14.96 19.69
N ARG A 238 -21.59 -14.26 19.10
CA ARG A 238 -20.92 -14.72 17.88
C ARG A 238 -19.67 -15.52 18.27
N VAL A 239 -19.28 -16.48 17.44
CA VAL A 239 -18.12 -17.30 17.75
C VAL A 239 -17.00 -17.23 16.71
N MET A 240 -15.79 -16.99 17.19
CA MET A 240 -14.61 -16.89 16.34
C MET A 240 -13.58 -17.95 16.70
N LEU A 241 -13.12 -18.68 15.69
CA LEU A 241 -12.13 -19.72 15.90
C LEU A 241 -10.74 -19.25 15.49
N ASP A 242 -9.74 -19.93 16.04
CA ASP A 242 -8.35 -19.60 15.75
C ASP A 242 -7.84 -20.45 14.58
N ALA A 243 -7.29 -19.79 13.57
CA ALA A 243 -6.76 -20.48 12.40
C ALA A 243 -5.23 -20.46 12.45
N VAL A 244 -4.64 -21.62 12.73
CA VAL A 244 -3.20 -21.72 12.81
C VAL A 244 -2.68 -22.18 11.46
N PHE A 245 -2.72 -21.28 10.48
CA PHE A 245 -2.29 -21.58 9.10
C PHE A 245 -0.82 -21.38 8.76
N ASN A 246 -0.10 -20.59 9.55
CA ASN A 246 1.32 -20.35 9.27
C ASN A 246 2.18 -21.60 9.38
N HIS A 247 1.84 -22.47 10.32
CA HIS A 247 2.58 -23.69 10.54
C HIS A 247 1.65 -24.79 11.01
N CYS A 248 2.11 -26.03 10.90
CA CYS A 248 1.33 -27.18 11.33
C CYS A 248 2.06 -27.78 12.52
N GLY A 249 1.55 -28.89 13.03
CA GLY A 249 2.21 -29.54 14.15
C GLY A 249 3.14 -30.63 13.66
N TYR A 250 3.97 -31.14 14.57
CA TYR A 250 4.91 -32.19 14.22
C TYR A 250 4.14 -33.46 13.80
N GLU A 251 2.93 -33.61 14.35
CA GLU A 251 2.11 -34.78 14.06
C GLU A 251 1.13 -34.59 12.92
N PHE A 252 1.28 -33.52 12.15
CA PHE A 252 0.42 -33.31 10.99
C PHE A 252 0.84 -34.39 10.00
N ALA A 253 -0.12 -35.19 9.54
CA ALA A 253 0.17 -36.30 8.62
C ALA A 253 1.13 -35.97 7.48
N PRO A 254 0.83 -34.92 6.70
CA PRO A 254 1.77 -34.62 5.61
C PRO A 254 3.21 -34.40 6.06
N PHE A 255 3.38 -33.74 7.19
CA PHE A 255 4.72 -33.51 7.69
C PHE A 255 5.35 -34.80 8.18
N GLN A 256 4.54 -35.67 8.80
CA GLN A 256 5.07 -36.94 9.30
C GLN A 256 5.56 -37.76 8.12
N ASP A 257 4.96 -37.56 6.96
CA ASP A 257 5.36 -38.30 5.77
C ASP A 257 6.70 -37.80 5.24
N VAL A 258 6.87 -36.48 5.21
CA VAL A 258 8.11 -35.89 4.74
C VAL A 258 9.23 -36.26 5.70
N TRP A 259 8.86 -36.42 6.96
CA TRP A 259 9.83 -36.76 7.99
C TRP A 259 10.40 -38.16 7.82
N LYS A 260 9.59 -39.06 7.30
CA LYS A 260 10.03 -40.43 7.10
C LYS A 260 10.62 -40.68 5.71
N ASN A 261 9.99 -40.12 4.68
CA ASN A 261 10.47 -40.33 3.31
C ASN A 261 11.25 -39.18 2.67
N GLY A 262 11.59 -38.17 3.46
CA GLY A 262 12.34 -37.05 2.93
C GLY A 262 11.86 -36.43 1.63
N GLU A 263 12.80 -36.22 0.70
CA GLU A 263 12.51 -35.60 -0.59
C GLU A 263 11.61 -36.38 -1.55
N SER A 264 11.43 -37.67 -1.31
CA SER A 264 10.58 -38.45 -2.20
C SER A 264 9.11 -38.32 -1.83
N SER A 265 8.84 -37.86 -0.61
CA SER A 265 7.47 -37.68 -0.13
C SER A 265 6.67 -36.73 -1.02
N LYS A 266 5.40 -37.07 -1.24
CA LYS A 266 4.53 -36.25 -2.07
C LYS A 266 4.14 -34.94 -1.39
N TYR A 267 4.49 -34.82 -0.11
CA TYR A 267 4.18 -33.63 0.66
C TYR A 267 5.38 -32.73 0.95
N LYS A 268 6.53 -33.06 0.37
CA LYS A 268 7.72 -32.27 0.63
C LYS A 268 7.59 -30.78 0.29
N ASP A 269 6.79 -30.46 -0.73
CA ASP A 269 6.61 -29.07 -1.12
C ASP A 269 5.55 -28.34 -0.30
N TRP A 270 4.99 -29.02 0.71
CA TRP A 270 3.98 -28.41 1.57
C TRP A 270 4.69 -27.60 2.65
N PHE A 271 6.02 -27.72 2.67
CA PHE A 271 6.82 -27.04 3.67
C PHE A 271 7.97 -26.25 3.07
N HIS A 272 8.83 -25.74 3.96
CA HIS A 272 9.99 -24.96 3.57
C HIS A 272 11.19 -25.72 4.09
N ILE A 273 11.68 -26.65 3.28
CA ILE A 273 12.80 -27.48 3.64
C ILE A 273 14.06 -27.03 2.93
N HIS A 274 15.15 -26.88 3.69
CA HIS A 274 16.41 -26.44 3.14
C HIS A 274 17.32 -27.60 2.76
N GLU A 275 17.14 -28.73 3.44
CA GLU A 275 17.94 -29.91 3.14
C GLU A 275 17.24 -31.17 3.59
N PHE A 276 17.51 -32.27 2.89
CA PHE A 276 16.94 -33.58 3.20
C PHE A 276 18.09 -34.49 3.58
N PRO A 277 17.89 -35.37 4.58
CA PRO A 277 16.67 -35.54 5.36
C PRO A 277 16.46 -34.41 6.37
N LEU A 278 15.25 -34.36 6.93
CA LEU A 278 14.91 -33.35 7.92
C LEU A 278 15.48 -33.70 9.29
N GLN A 279 15.91 -32.68 10.04
CA GLN A 279 16.46 -32.87 11.37
C GLN A 279 16.21 -31.66 12.26
N THR A 280 16.10 -31.90 13.56
CA THR A 280 15.84 -30.86 14.53
C THR A 280 17.09 -30.43 15.30
N GLU A 281 18.15 -31.23 15.18
CA GLU A 281 19.41 -30.93 15.88
C GLU A 281 20.57 -30.65 14.93
N PRO A 282 21.38 -29.63 15.25
CA PRO A 282 21.25 -28.74 16.40
C PRO A 282 20.13 -27.73 16.22
N ARG A 283 19.62 -27.65 14.99
CA ARG A 283 18.54 -26.73 14.66
C ARG A 283 17.83 -27.21 13.40
N PRO A 284 16.51 -26.97 13.31
CA PRO A 284 15.69 -27.37 12.16
C PRO A 284 16.23 -26.89 10.82
N ASN A 285 16.29 -27.79 9.85
CA ASN A 285 16.77 -27.41 8.52
C ASN A 285 15.60 -27.06 7.62
N TYR A 286 14.49 -26.67 8.25
CA TYR A 286 13.27 -26.24 7.57
C TYR A 286 12.73 -25.06 8.35
N ASP A 287 12.04 -24.14 7.67
CA ASP A 287 11.46 -22.97 8.34
C ASP A 287 10.39 -23.41 9.32
N THR A 288 10.29 -22.69 10.43
CA THR A 288 9.34 -23.01 11.47
C THR A 288 8.82 -21.75 12.16
N PHE A 289 7.81 -21.92 12.99
CA PHE A 289 7.32 -20.78 13.75
C PHE A 289 8.51 -20.53 14.66
N ALA A 290 8.93 -19.27 14.77
CA ALA A 290 10.08 -18.96 15.61
C ALA A 290 11.15 -20.00 15.27
N PHE A 291 11.67 -20.70 16.27
CA PHE A 291 12.66 -21.73 16.02
C PHE A 291 12.18 -23.06 16.63
N VAL A 292 10.86 -23.19 16.72
CA VAL A 292 10.24 -24.39 17.28
C VAL A 292 10.19 -25.53 16.26
N PRO A 293 10.95 -26.60 16.51
CA PRO A 293 11.01 -27.76 15.62
C PRO A 293 9.66 -28.44 15.40
N GLN A 294 8.82 -28.46 16.42
CA GLN A 294 7.53 -29.11 16.31
C GLN A 294 6.51 -28.32 15.51
N MET A 295 6.89 -27.13 15.03
CA MET A 295 5.98 -26.29 14.26
C MET A 295 6.47 -25.91 12.86
N PRO A 296 6.44 -26.87 11.92
CA PRO A 296 6.88 -26.69 10.53
C PRO A 296 6.09 -25.60 9.78
N LYS A 297 6.79 -24.68 9.15
CA LYS A 297 6.10 -23.64 8.42
C LYS A 297 5.46 -24.24 7.18
N LEU A 298 4.18 -23.93 6.96
CA LEU A 298 3.47 -24.43 5.80
C LEU A 298 3.78 -23.55 4.61
N ASN A 299 3.81 -24.14 3.41
CA ASN A 299 4.07 -23.38 2.20
C ASN A 299 2.74 -23.03 1.56
N THR A 300 2.25 -21.83 1.88
CA THR A 300 0.96 -21.37 1.38
C THR A 300 0.99 -20.95 -0.08
N ALA A 301 2.11 -21.19 -0.75
CA ALA A 301 2.23 -20.86 -2.16
C ALA A 301 2.01 -22.14 -2.95
N ASN A 302 1.98 -23.25 -2.21
CA ASN A 302 1.78 -24.56 -2.81
C ASN A 302 0.29 -24.75 -3.04
N PRO A 303 -0.10 -25.05 -4.29
CA PRO A 303 -1.51 -25.26 -4.66
C PRO A 303 -2.25 -26.26 -3.79
N GLU A 304 -1.54 -27.26 -3.30
CA GLU A 304 -2.12 -28.29 -2.43
C GLU A 304 -2.41 -27.70 -1.06
N VAL A 305 -1.39 -27.09 -0.47
CA VAL A 305 -1.51 -26.47 0.84
C VAL A 305 -2.64 -25.46 0.82
N LYS A 306 -2.65 -24.64 -0.22
CA LYS A 306 -3.64 -23.59 -0.38
C LYS A 306 -5.07 -24.14 -0.40
N ARG A 307 -5.28 -25.19 -1.18
CA ARG A 307 -6.61 -25.80 -1.29
C ARG A 307 -7.01 -26.43 0.04
N TYR A 308 -6.07 -27.10 0.69
CA TYR A 308 -6.35 -27.72 1.99
C TYR A 308 -6.76 -26.68 3.04
N LEU A 309 -5.93 -25.66 3.26
CA LEU A 309 -6.24 -24.62 4.25
C LEU A 309 -7.54 -23.90 3.92
N LEU A 310 -7.76 -23.63 2.63
CA LEU A 310 -8.99 -22.96 2.21
C LEU A 310 -10.19 -23.87 2.49
N ASP A 311 -10.03 -25.18 2.30
CA ASP A 311 -11.14 -26.09 2.58
C ASP A 311 -11.42 -25.96 4.06
N VAL A 312 -10.36 -26.08 4.85
CA VAL A 312 -10.48 -25.96 6.30
C VAL A 312 -11.21 -24.67 6.63
N ALA A 313 -10.73 -23.58 6.08
CA ALA A 313 -11.33 -22.27 6.35
C ALA A 313 -12.82 -22.22 6.05
N THR A 314 -13.24 -22.81 4.94
CA THR A 314 -14.65 -22.79 4.57
C THR A 314 -15.45 -23.88 5.25
N TYR A 315 -14.81 -25.01 5.53
CA TYR A 315 -15.49 -26.12 6.20
C TYR A 315 -16.16 -25.71 7.51
N TRP A 316 -15.37 -25.21 8.46
CA TRP A 316 -15.93 -24.82 9.76
C TRP A 316 -16.96 -23.69 9.68
N ILE A 317 -17.01 -22.99 8.56
CA ILE A 317 -17.98 -21.92 8.42
C ILE A 317 -19.29 -22.46 7.84
N ARG A 318 -19.18 -23.35 6.87
CA ARG A 318 -20.36 -23.91 6.23
C ARG A 318 -21.02 -25.02 7.07
N GLU A 319 -20.19 -25.77 7.79
CA GLU A 319 -20.68 -26.88 8.60
C GLU A 319 -21.00 -26.52 10.04
N PHE A 320 -20.45 -25.43 10.55
CA PHE A 320 -20.72 -25.07 11.94
C PHE A 320 -21.18 -23.64 12.12
N ASP A 321 -21.11 -22.87 11.04
CA ASP A 321 -21.54 -21.49 11.04
C ASP A 321 -20.77 -20.55 11.97
N ILE A 322 -19.46 -20.77 12.13
CA ILE A 322 -18.68 -19.89 13.00
C ILE A 322 -18.71 -18.48 12.42
N ASP A 323 -18.53 -17.48 13.26
CA ASP A 323 -18.61 -16.10 12.83
C ASP A 323 -17.32 -15.31 12.65
N GLY A 324 -16.19 -15.96 12.82
CA GLY A 324 -14.94 -15.26 12.67
C GLY A 324 -13.76 -16.18 12.69
N TRP A 325 -12.67 -15.72 12.10
CA TRP A 325 -11.41 -16.45 12.03
C TRP A 325 -10.31 -15.53 12.53
N ARG A 326 -9.59 -15.99 13.54
CA ARG A 326 -8.47 -15.25 14.10
C ARG A 326 -7.24 -15.93 13.49
N LEU A 327 -6.60 -15.22 12.57
CA LEU A 327 -5.43 -15.72 11.86
C LEU A 327 -4.15 -15.64 12.66
N ASP A 328 -3.72 -16.80 13.16
CA ASP A 328 -2.51 -16.93 13.94
C ASP A 328 -1.29 -16.58 13.08
N VAL A 329 -0.40 -15.75 13.63
CA VAL A 329 0.82 -15.32 12.93
C VAL A 329 0.52 -14.92 11.50
N ALA A 330 -0.61 -14.24 11.31
CA ALA A 330 -1.06 -13.80 10.00
C ALA A 330 -0.01 -13.14 9.13
N ASN A 331 0.75 -12.23 9.72
CA ASN A 331 1.78 -11.49 8.98
C ASN A 331 2.84 -12.32 8.27
N GLU A 332 2.99 -13.59 8.65
CA GLU A 332 4.01 -14.42 8.02
C GLU A 332 3.54 -15.26 6.85
N ILE A 333 2.26 -15.13 6.50
CA ILE A 333 1.69 -15.85 5.38
C ILE A 333 1.54 -14.83 4.25
N ASP A 334 1.79 -15.24 3.01
CA ASP A 334 1.73 -14.29 1.91
C ASP A 334 0.40 -13.59 1.69
N HIS A 335 0.48 -12.40 1.09
CA HIS A 335 -0.70 -11.58 0.79
C HIS A 335 -1.59 -12.25 -0.23
N GLU A 336 -0.98 -12.94 -1.18
CA GLU A 336 -1.74 -13.61 -2.23
C GLU A 336 -2.69 -14.62 -1.61
N PHE A 337 -2.21 -15.36 -0.63
CA PHE A 337 -3.03 -16.35 0.03
C PHE A 337 -4.19 -15.72 0.78
N TRP A 338 -3.95 -14.56 1.37
CA TRP A 338 -4.99 -13.88 2.13
C TRP A 338 -6.09 -13.30 1.25
N ARG A 339 -5.73 -12.88 0.04
CA ARG A 339 -6.74 -12.34 -0.86
C ARG A 339 -7.71 -13.47 -1.24
N GLU A 340 -7.15 -14.65 -1.49
CA GLU A 340 -7.99 -15.80 -1.83
C GLU A 340 -8.78 -16.23 -0.61
N PHE A 341 -8.13 -16.21 0.55
CA PHE A 341 -8.78 -16.58 1.79
C PHE A 341 -10.04 -15.72 1.94
N ARG A 342 -9.86 -14.40 1.89
CA ARG A 342 -10.98 -13.48 2.01
C ARG A 342 -12.08 -13.77 1.01
N GLN A 343 -11.73 -13.79 -0.28
CA GLN A 343 -12.69 -14.04 -1.34
C GLN A 343 -13.54 -15.26 -1.03
N GLU A 344 -12.90 -16.37 -0.68
CA GLU A 344 -13.63 -17.58 -0.37
C GLU A 344 -14.42 -17.52 0.93
N VAL A 345 -13.90 -16.80 1.91
CA VAL A 345 -14.61 -16.67 3.18
C VAL A 345 -15.81 -15.75 3.01
N LYS A 346 -15.58 -14.57 2.43
CA LYS A 346 -16.64 -13.60 2.23
C LYS A 346 -17.72 -14.01 1.23
N ALA A 347 -17.37 -14.93 0.33
CA ALA A 347 -18.34 -15.40 -0.65
C ALA A 347 -19.27 -16.38 0.05
N LEU A 348 -18.70 -17.17 0.95
CA LEU A 348 -19.44 -18.17 1.70
C LEU A 348 -20.31 -17.56 2.79
N LYS A 349 -19.83 -16.50 3.42
CA LYS A 349 -20.57 -15.84 4.49
C LYS A 349 -19.97 -14.46 4.74
N PRO A 350 -20.51 -13.42 4.08
CA PRO A 350 -20.03 -12.04 4.24
C PRO A 350 -19.79 -11.59 5.67
N ASP A 351 -20.66 -12.02 6.58
CA ASP A 351 -20.56 -11.64 7.98
C ASP A 351 -19.36 -12.16 8.75
N VAL A 352 -18.53 -13.01 8.13
CA VAL A 352 -17.38 -13.54 8.83
C VAL A 352 -16.28 -12.49 9.06
N TYR A 353 -15.91 -12.30 10.32
CA TYR A 353 -14.91 -11.34 10.72
C TYR A 353 -13.52 -11.94 10.56
N ILE A 354 -12.71 -11.36 9.68
CA ILE A 354 -11.36 -11.87 9.45
C ILE A 354 -10.38 -11.03 10.29
N LEU A 355 -9.92 -11.61 11.38
CA LEU A 355 -9.02 -10.96 12.34
C LEU A 355 -7.61 -11.54 12.29
N GLY A 356 -6.63 -10.71 11.98
CA GLY A 356 -5.27 -11.21 11.92
C GLY A 356 -4.43 -10.90 13.15
N GLU A 357 -3.64 -11.88 13.61
CA GLU A 357 -2.77 -11.64 14.74
C GLU A 357 -1.53 -10.94 14.22
N ILE A 358 -1.51 -9.61 14.35
CA ILE A 358 -0.38 -8.80 13.92
C ILE A 358 -0.15 -7.78 15.02
N TRP A 359 0.97 -7.92 15.71
CA TRP A 359 1.31 -7.06 16.82
C TRP A 359 1.87 -5.71 16.41
N HIS A 360 2.15 -5.55 15.13
CA HIS A 360 2.73 -4.31 14.63
C HIS A 360 1.85 -3.61 13.59
N ASP A 361 2.36 -2.49 13.07
CA ASP A 361 1.65 -1.72 12.05
C ASP A 361 1.18 -2.70 10.99
N ALA A 362 -0.11 -2.71 10.71
CA ALA A 362 -0.62 -3.68 9.75
C ALA A 362 -1.36 -3.09 8.54
N MET A 363 -1.04 -1.86 8.18
CA MET A 363 -1.68 -1.21 7.05
C MET A 363 -1.78 -2.08 5.79
N PRO A 364 -0.69 -2.76 5.39
CA PRO A 364 -0.75 -3.59 4.18
C PRO A 364 -1.77 -4.74 4.17
N TRP A 365 -2.25 -5.14 5.34
CA TRP A 365 -3.23 -6.22 5.42
C TRP A 365 -4.63 -5.64 5.64
N LEU A 366 -4.71 -4.33 5.73
CA LEU A 366 -5.97 -3.65 5.99
C LEU A 366 -6.44 -2.70 4.90
N ARG A 367 -6.21 -3.06 3.64
CA ARG A 367 -6.61 -2.20 2.54
C ARG A 367 -7.97 -2.58 1.98
N GLY A 368 -8.58 -3.63 2.52
CA GLY A 368 -9.88 -4.06 2.07
C GLY A 368 -9.91 -5.36 1.30
N ASP A 369 -8.74 -5.79 0.84
CA ASP A 369 -8.63 -7.02 0.06
C ASP A 369 -8.16 -8.19 0.93
N GLN A 370 -7.97 -7.94 2.22
CA GLN A 370 -7.49 -9.00 3.08
C GLN A 370 -8.20 -9.12 4.43
N PHE A 371 -7.63 -8.56 5.50
CA PHE A 371 -8.28 -8.67 6.80
C PHE A 371 -9.30 -7.57 7.06
N ASP A 372 -10.18 -7.81 8.04
CA ASP A 372 -11.16 -6.83 8.46
C ASP A 372 -10.54 -6.10 9.65
N ALA A 373 -9.53 -6.72 10.24
CA ALA A 373 -8.91 -6.14 11.41
C ALA A 373 -7.78 -6.99 11.89
N VAL A 374 -7.05 -6.45 12.86
CA VAL A 374 -5.94 -7.17 13.49
C VAL A 374 -6.06 -6.92 14.99
N MET A 375 -5.40 -7.76 15.78
CA MET A 375 -5.39 -7.62 17.23
C MET A 375 -4.54 -6.37 17.50
N ASN A 376 -5.17 -5.30 17.97
CA ASN A 376 -4.49 -4.02 18.22
C ASN A 376 -3.49 -4.00 19.37
N TYR A 377 -2.43 -4.80 19.29
CA TYR A 377 -1.45 -4.78 20.36
C TYR A 377 -0.76 -3.42 20.54
N PRO A 378 -0.78 -2.56 19.50
CA PRO A 378 -0.12 -1.26 19.72
C PRO A 378 -0.98 -0.48 20.70
N PHE A 379 -2.28 -0.76 20.70
CA PHE A 379 -3.20 -0.12 21.63
C PHE A 379 -2.86 -0.69 23.01
N THR A 380 -2.82 -2.01 23.11
CA THR A 380 -2.50 -2.68 24.35
C THR A 380 -1.29 -2.04 25.01
N ASP A 381 -0.22 -1.92 24.23
CA ASP A 381 1.03 -1.34 24.67
C ASP A 381 0.91 0.06 25.23
N GLY A 382 0.26 0.95 24.48
CA GLY A 382 0.11 2.33 24.93
C GLY A 382 -0.72 2.51 26.20
N VAL A 383 -1.84 1.79 26.26
CA VAL A 383 -2.74 1.86 27.40
C VAL A 383 -2.06 1.32 28.67
N LEU A 384 -1.34 0.21 28.54
CA LEU A 384 -0.65 -0.36 29.69
C LEU A 384 0.45 0.57 30.17
N ARG A 385 1.12 1.23 29.24
CA ARG A 385 2.19 2.15 29.63
C ARG A 385 1.65 3.32 30.43
N PHE A 386 0.42 3.74 30.15
CA PHE A 386 -0.13 4.88 30.87
C PHE A 386 -0.86 4.51 32.16
N PHE A 387 -1.77 3.54 32.06
CA PHE A 387 -2.59 3.12 33.18
C PHE A 387 -1.98 2.11 34.17
N ALA A 388 -1.25 1.12 33.65
CA ALA A 388 -0.69 0.09 34.53
C ALA A 388 0.69 0.40 35.09
N LYS A 389 1.62 0.76 34.22
CA LYS A 389 2.98 1.05 34.63
C LYS A 389 3.25 2.53 34.90
N GLU A 390 2.37 3.39 34.44
CA GLU A 390 2.53 4.83 34.61
C GLU A 390 3.92 5.30 34.19
N GLU A 391 4.42 4.82 33.06
CA GLU A 391 5.74 5.22 32.60
C GLU A 391 5.71 6.36 31.58
N ILE A 392 4.51 6.85 31.27
CA ILE A 392 4.34 7.97 30.35
C ILE A 392 3.24 8.88 30.86
N SER A 393 3.31 10.16 30.51
CA SER A 393 2.31 11.13 30.96
C SER A 393 0.99 11.05 30.19
N ALA A 394 0.01 11.83 30.63
CA ALA A 394 -1.28 11.85 29.97
C ALA A 394 -1.08 12.46 28.60
N ARG A 395 -0.13 13.38 28.53
CA ARG A 395 0.22 14.09 27.31
C ARG A 395 0.80 13.12 26.28
N GLN A 396 1.74 12.31 26.71
CA GLN A 396 2.37 11.34 25.84
C GLN A 396 1.38 10.23 25.47
N PHE A 397 0.51 9.85 26.40
CA PHE A 397 -0.48 8.81 26.12
C PHE A 397 -1.43 9.28 25.01
N ALA A 398 -1.87 10.53 25.11
CA ALA A 398 -2.77 11.09 24.11
C ALA A 398 -2.07 11.10 22.76
N ASN A 399 -0.80 11.48 22.74
CA ASN A 399 -0.04 11.53 21.50
C ASN A 399 0.07 10.15 20.85
N GLN A 400 0.32 9.13 21.67
CA GLN A 400 0.44 7.77 21.16
C GLN A 400 -0.88 7.26 20.63
N MET A 401 -1.98 7.56 21.34
CA MET A 401 -3.29 7.11 20.89
C MET A 401 -3.64 7.79 19.55
N MET A 402 -3.31 9.06 19.43
CA MET A 402 -3.59 9.81 18.20
C MET A 402 -2.71 9.31 17.06
N HIS A 403 -1.47 8.99 17.39
CA HIS A 403 -0.52 8.49 16.41
C HIS A 403 -1.00 7.17 15.82
N VAL A 404 -1.33 6.19 16.66
CA VAL A 404 -1.78 4.91 16.14
C VAL A 404 -3.10 5.01 15.42
N LEU A 405 -3.99 5.88 15.90
CA LEU A 405 -5.30 6.05 15.26
C LEU A 405 -5.19 6.70 13.87
N HIS A 406 -4.35 7.72 13.74
CA HIS A 406 -4.20 8.40 12.46
C HIS A 406 -3.38 7.62 11.44
N SER A 407 -2.77 6.54 11.88
CA SER A 407 -1.99 5.72 10.96
C SER A 407 -2.89 4.80 10.16
N TYR A 408 -4.20 4.81 10.46
CA TYR A 408 -5.17 3.99 9.75
C TYR A 408 -6.38 4.80 9.34
N PRO A 409 -7.12 4.35 8.29
CA PRO A 409 -8.32 5.01 7.78
C PRO A 409 -9.41 4.92 8.85
N ASN A 410 -10.36 5.85 8.86
CA ASN A 410 -11.44 5.82 9.86
C ASN A 410 -12.22 4.51 9.88
N ASN A 411 -12.58 3.99 8.72
CA ASN A 411 -13.35 2.74 8.70
C ASN A 411 -12.56 1.53 9.19
N VAL A 412 -11.24 1.64 9.22
CA VAL A 412 -10.40 0.55 9.71
C VAL A 412 -10.42 0.56 11.23
N ASN A 413 -10.25 1.74 11.82
CA ASN A 413 -10.26 1.88 13.27
C ASN A 413 -11.62 1.54 13.89
N GLU A 414 -12.67 1.57 13.08
CA GLU A 414 -13.99 1.27 13.60
C GLU A 414 -14.20 -0.22 13.80
N ALA A 415 -13.35 -1.03 13.19
CA ALA A 415 -13.46 -2.47 13.31
C ALA A 415 -12.32 -3.11 14.11
N ALA A 416 -11.38 -2.28 14.56
CA ALA A 416 -10.21 -2.75 15.30
C ALA A 416 -10.50 -3.58 16.56
N PHE A 417 -9.75 -4.67 16.71
CA PHE A 417 -9.87 -5.60 17.84
C PHE A 417 -9.02 -5.02 18.98
N ASN A 418 -9.64 -4.25 19.89
CA ASN A 418 -8.90 -3.64 20.99
C ASN A 418 -8.84 -4.49 22.24
N LEU A 419 -7.69 -5.09 22.51
CA LEU A 419 -7.55 -5.92 23.69
C LEU A 419 -6.56 -5.30 24.68
N LEU A 420 -6.62 -5.76 25.92
CA LEU A 420 -5.74 -5.27 26.97
C LEU A 420 -4.71 -6.33 27.32
N GLY A 421 -5.00 -7.57 26.94
CA GLY A 421 -4.11 -8.68 27.22
C GLY A 421 -4.66 -9.94 26.58
N SER A 422 -3.87 -11.01 26.60
CA SER A 422 -4.29 -12.26 25.99
C SER A 422 -3.48 -13.41 26.54
N HIS A 423 -3.61 -14.58 25.92
CA HIS A 423 -2.85 -15.74 26.38
C HIS A 423 -1.36 -15.60 26.09
N ASP A 424 -1.00 -14.58 25.32
CA ASP A 424 0.41 -14.34 24.98
C ASP A 424 1.02 -13.14 25.70
N THR A 425 0.30 -12.61 26.68
CA THR A 425 0.78 -11.47 27.45
C THR A 425 0.50 -11.78 28.92
N SER A 426 1.09 -10.99 29.80
CA SER A 426 0.85 -11.20 31.21
C SER A 426 -0.54 -10.65 31.57
N ARG A 427 -1.05 -11.03 32.73
CA ARG A 427 -2.35 -10.58 33.19
C ARG A 427 -2.26 -9.09 33.50
N ILE A 428 -3.28 -8.34 33.12
CA ILE A 428 -3.29 -6.90 33.37
C ILE A 428 -3.19 -6.55 34.85
N LEU A 429 -3.87 -7.32 35.71
CA LEU A 429 -3.80 -7.03 37.14
C LEU A 429 -2.35 -7.20 37.59
N THR A 430 -1.64 -8.11 36.96
CA THR A 430 -0.25 -8.34 37.31
C THR A 430 0.63 -7.23 36.71
N VAL A 431 0.26 -6.71 35.54
CA VAL A 431 1.02 -5.64 34.93
C VAL A 431 0.79 -4.39 35.78
N CYS A 432 -0.40 -4.31 36.39
CA CYS A 432 -0.75 -3.19 37.25
C CYS A 432 -0.19 -3.39 38.66
N GLY A 433 0.60 -4.45 38.83
CA GLY A 433 1.20 -4.73 40.12
C GLY A 433 0.20 -5.04 41.21
N GLY A 434 -0.95 -5.56 40.83
CA GLY A 434 -1.97 -5.92 41.80
C GLY A 434 -2.92 -4.79 42.19
N ASP A 435 -2.76 -3.63 41.56
CA ASP A 435 -3.64 -2.51 41.90
C ASP A 435 -4.93 -2.57 41.07
N ILE A 436 -6.01 -3.01 41.71
CA ILE A 436 -7.32 -3.11 41.05
C ILE A 436 -7.78 -1.77 40.49
N ARG A 437 -7.42 -0.68 41.16
CA ARG A 437 -7.80 0.66 40.74
C ARG A 437 -7.29 0.95 39.33
N LYS A 438 -6.08 0.50 39.04
CA LYS A 438 -5.47 0.71 37.74
C LYS A 438 -6.19 -0.12 36.69
N VAL A 439 -6.50 -1.37 37.03
CA VAL A 439 -7.21 -2.23 36.09
C VAL A 439 -8.57 -1.65 35.75
N LYS A 440 -9.17 -0.95 36.70
CA LYS A 440 -10.47 -0.36 36.45
C LYS A 440 -10.34 0.71 35.38
N LEU A 441 -9.23 1.44 35.43
CA LEU A 441 -9.01 2.47 34.43
C LEU A 441 -8.82 1.83 33.05
N LEU A 442 -8.01 0.77 33.00
CA LEU A 442 -7.76 0.04 31.75
C LEU A 442 -9.09 -0.32 31.10
N PHE A 443 -9.97 -0.93 31.90
CA PHE A 443 -11.30 -1.33 31.43
C PHE A 443 -12.16 -0.13 31.04
N LEU A 444 -11.98 0.97 31.74
CA LEU A 444 -12.73 2.18 31.45
C LEU A 444 -12.37 2.69 30.07
N PHE A 445 -11.08 2.76 29.79
CA PHE A 445 -10.62 3.27 28.50
C PHE A 445 -10.96 2.33 27.38
N GLN A 446 -10.75 1.04 27.60
CA GLN A 446 -11.05 0.07 26.56
C GLN A 446 -12.51 0.11 26.15
N LEU A 447 -13.40 0.11 27.14
CA LEU A 447 -14.82 0.08 26.83
C LEU A 447 -15.48 1.40 26.41
N THR A 448 -14.71 2.49 26.41
CA THR A 448 -15.23 3.77 25.95
C THR A 448 -14.52 4.13 24.63
N PHE A 449 -13.76 3.17 24.10
CA PHE A 449 -12.97 3.34 22.88
C PHE A 449 -13.63 2.71 21.66
N THR A 450 -13.67 3.46 20.56
CA THR A 450 -14.27 2.98 19.34
C THR A 450 -13.59 1.72 18.85
N GLY A 451 -14.38 0.71 18.52
CA GLY A 451 -13.80 -0.52 18.04
C GLY A 451 -14.55 -1.74 18.50
N SER A 452 -13.84 -2.86 18.55
CA SER A 452 -14.43 -4.12 18.98
C SER A 452 -13.51 -4.64 20.07
N PRO A 453 -13.69 -4.17 21.31
CA PRO A 453 -12.86 -4.60 22.42
C PRO A 453 -12.97 -6.10 22.71
N CYS A 454 -11.95 -6.64 23.35
CA CYS A 454 -11.93 -8.05 23.71
C CYS A 454 -11.39 -8.21 25.12
N ILE A 455 -12.10 -9.01 25.92
CA ILE A 455 -11.72 -9.26 27.30
C ILE A 455 -11.11 -10.66 27.43
N TYR A 456 -9.92 -10.73 28.04
CA TYR A 456 -9.25 -12.01 28.26
C TYR A 456 -9.90 -12.67 29.47
N TYR A 457 -10.37 -13.90 29.30
CA TYR A 457 -11.05 -14.61 30.38
C TYR A 457 -10.32 -14.50 31.71
N GLY A 458 -11.06 -14.10 32.74
CA GLY A 458 -10.48 -13.98 34.07
C GLY A 458 -10.09 -12.55 34.44
N ASP A 459 -9.88 -11.71 33.44
CA ASP A 459 -9.51 -10.34 33.75
C ASP A 459 -10.64 -9.59 34.41
N GLU A 460 -11.88 -9.98 34.11
CA GLU A 460 -13.03 -9.30 34.67
C GLU A 460 -13.25 -9.61 36.15
N ILE A 461 -12.63 -10.67 36.66
CA ILE A 461 -12.77 -11.04 38.07
C ILE A 461 -11.45 -10.98 38.81
N GLY A 462 -10.47 -10.32 38.22
CA GLY A 462 -9.17 -10.16 38.85
C GLY A 462 -8.20 -11.32 38.93
N MET A 463 -8.16 -12.18 37.92
CA MET A 463 -7.20 -13.27 37.98
C MET A 463 -5.79 -12.69 37.84
N THR A 464 -4.80 -13.37 38.40
CA THR A 464 -3.44 -12.86 38.30
C THR A 464 -2.52 -13.83 37.58
N GLY A 465 -1.29 -13.39 37.33
CA GLY A 465 -0.34 -14.24 36.66
C GLY A 465 0.50 -13.44 35.68
N GLY A 466 1.77 -13.82 35.58
CA GLY A 466 2.68 -13.15 34.67
C GLY A 466 2.40 -13.64 33.26
N ASN A 467 3.40 -13.58 32.41
CA ASN A 467 3.24 -13.99 31.03
C ASN A 467 3.19 -15.51 30.85
N ASP A 468 2.76 -15.94 29.68
CA ASP A 468 2.65 -17.35 29.31
C ASP A 468 3.71 -18.18 30.04
N PRO A 469 3.30 -19.27 30.70
CA PRO A 469 1.95 -19.83 30.83
C PRO A 469 1.17 -19.36 32.06
N GLU A 470 1.80 -18.57 32.91
CA GLU A 470 1.16 -18.10 34.14
C GLU A 470 -0.15 -17.37 33.91
N CYS A 471 -0.32 -16.79 32.71
CA CYS A 471 -1.54 -16.07 32.37
C CYS A 471 -2.64 -17.05 31.98
N ARG A 472 -2.32 -18.34 32.00
CA ARG A 472 -3.29 -19.36 31.60
C ARG A 472 -3.88 -20.19 32.73
N LYS A 473 -3.93 -19.63 33.93
CA LYS A 473 -4.50 -20.31 35.09
C LYS A 473 -5.92 -20.73 34.80
N CYS A 474 -6.39 -21.74 35.52
CA CYS A 474 -7.75 -22.22 35.35
C CYS A 474 -8.69 -21.10 35.73
N MET A 475 -9.76 -20.95 34.97
CA MET A 475 -10.74 -19.92 35.25
C MET A 475 -11.23 -20.07 36.69
N VAL A 476 -11.25 -18.96 37.43
CA VAL A 476 -11.69 -18.96 38.81
C VAL A 476 -13.21 -18.84 38.86
N TRP A 477 -13.89 -19.91 39.28
CA TRP A 477 -15.36 -19.91 39.36
C TRP A 477 -15.91 -19.75 40.78
N ASP A 478 -15.06 -19.89 41.79
CA ASP A 478 -15.47 -19.73 43.19
C ASP A 478 -15.76 -18.26 43.44
N PRO A 479 -17.04 -17.92 43.71
CA PRO A 479 -17.52 -16.54 43.97
C PRO A 479 -16.70 -15.76 44.97
N MET A 480 -16.24 -16.42 46.04
CA MET A 480 -15.44 -15.76 47.04
C MET A 480 -14.02 -15.50 46.57
N GLN A 481 -13.69 -16.01 45.38
CA GLN A 481 -12.35 -15.83 44.84
C GLN A 481 -12.34 -14.81 43.71
N GLN A 482 -13.52 -14.50 43.19
CA GLN A 482 -13.66 -13.54 42.11
C GLN A 482 -13.68 -12.14 42.72
N ASN A 483 -13.11 -11.17 42.01
CA ASN A 483 -13.13 -9.79 42.50
C ASN A 483 -14.41 -9.14 42.01
N LYS A 484 -15.36 -8.98 42.92
CA LYS A 484 -16.65 -8.38 42.62
C LYS A 484 -16.59 -6.94 42.14
N GLU A 485 -15.68 -6.16 42.70
CA GLU A 485 -15.58 -4.77 42.28
C GLU A 485 -15.38 -4.71 40.76
N LEU A 486 -14.43 -5.50 40.26
CA LEU A 486 -14.14 -5.53 38.83
C LEU A 486 -15.32 -6.05 38.00
N HIS A 487 -15.82 -7.22 38.38
CA HIS A 487 -16.93 -7.81 37.64
C HIS A 487 -18.08 -6.83 37.45
N GLN A 488 -18.54 -6.20 38.52
CA GLN A 488 -19.64 -5.25 38.40
C GLN A 488 -19.20 -4.03 37.60
N HIS A 489 -17.93 -3.66 37.72
CA HIS A 489 -17.37 -2.53 36.98
C HIS A 489 -17.44 -2.82 35.48
N VAL A 490 -16.89 -3.95 35.08
CA VAL A 490 -16.88 -4.38 33.69
C VAL A 490 -18.29 -4.52 33.16
N LYS A 491 -19.17 -5.13 33.96
CA LYS A 491 -20.55 -5.31 33.53
C LYS A 491 -21.21 -3.94 33.29
N GLN A 492 -20.94 -3.02 34.20
CA GLN A 492 -21.47 -1.68 34.12
C GLN A 492 -21.01 -0.98 32.85
N LEU A 493 -19.70 -1.00 32.61
CA LEU A 493 -19.15 -0.35 31.43
C LEU A 493 -19.70 -0.92 30.12
N ILE A 494 -19.75 -2.25 30.02
CA ILE A 494 -20.26 -2.87 28.82
C ILE A 494 -21.70 -2.43 28.55
N ALA A 495 -22.48 -2.31 29.63
CA ALA A 495 -23.86 -1.90 29.50
C ALA A 495 -23.91 -0.44 29.04
N LEU A 496 -22.97 0.38 29.52
CA LEU A 496 -22.93 1.77 29.11
C LEU A 496 -22.54 1.84 27.64
N ARG A 497 -21.52 1.08 27.27
CA ARG A 497 -21.04 1.05 25.89
C ARG A 497 -22.20 0.75 24.95
N LYS A 498 -23.10 -0.12 25.39
CA LYS A 498 -24.25 -0.51 24.58
C LYS A 498 -25.25 0.63 24.42
N GLN A 499 -25.43 1.42 25.47
CA GLN A 499 -26.36 2.54 25.44
C GLN A 499 -25.85 3.75 24.67
N TYR A 500 -24.58 4.11 24.85
CA TYR A 500 -24.04 5.27 24.17
C TYR A 500 -23.18 4.95 22.96
N ARG A 501 -23.75 5.22 21.79
CA ARG A 501 -23.13 4.98 20.49
C ARG A 501 -21.76 5.64 20.30
N SER A 502 -21.57 6.81 20.89
CA SER A 502 -20.31 7.52 20.75
C SER A 502 -19.17 6.73 21.41
N LEU A 503 -19.52 5.82 22.30
CA LEU A 503 -18.49 5.04 22.97
C LEU A 503 -17.96 3.93 22.08
N ARG A 504 -18.79 3.42 21.18
CA ARG A 504 -18.33 2.33 20.33
C ARG A 504 -18.02 2.68 18.88
N ARG A 505 -18.55 3.81 18.40
CA ARG A 505 -18.33 4.20 17.00
C ARG A 505 -17.92 5.64 16.79
N GLY A 506 -17.81 6.40 17.86
CA GLY A 506 -17.46 7.80 17.73
C GLY A 506 -16.01 8.19 17.62
N GLU A 507 -15.80 9.49 17.55
CA GLU A 507 -14.48 10.07 17.43
C GLU A 507 -13.94 10.36 18.83
N ILE A 508 -12.65 10.16 19.02
CA ILE A 508 -12.08 10.44 20.31
C ILE A 508 -11.14 11.62 20.14
N SER A 509 -11.19 12.55 21.08
CA SER A 509 -10.32 13.71 21.05
C SER A 509 -9.91 13.95 22.48
N PHE A 510 -8.66 14.33 22.68
CA PHE A 510 -8.16 14.58 24.01
C PHE A 510 -8.12 16.06 24.30
N LEU A 511 -8.58 16.43 25.49
CA LEU A 511 -8.58 17.82 25.91
C LEU A 511 -7.41 18.00 26.86
N HIS A 512 -6.58 19.00 26.60
CA HIS A 512 -5.40 19.25 27.44
C HIS A 512 -5.82 19.82 28.78
N ALA A 513 -5.42 19.15 29.85
CA ALA A 513 -5.74 19.61 31.19
C ALA A 513 -4.47 20.14 31.82
N ASP A 514 -4.60 21.05 32.78
CA ASP A 514 -3.42 21.58 33.44
C ASP A 514 -2.78 20.37 34.11
N ASP A 515 -1.46 20.39 34.26
CA ASP A 515 -0.76 19.26 34.86
C ASP A 515 -1.08 18.04 33.99
N GLU A 516 -0.70 18.13 32.72
CA GLU A 516 -0.93 17.06 31.77
C GLU A 516 0.03 15.91 32.06
N MET A 517 0.12 15.54 33.34
CA MET A 517 0.98 14.45 33.78
C MET A 517 0.14 13.28 34.29
N ASN A 518 -0.92 13.57 35.03
CA ASN A 518 -1.76 12.52 35.58
C ASN A 518 -3.23 12.64 35.22
N TYR A 519 -3.68 13.85 34.92
CA TYR A 519 -5.08 14.04 34.57
C TYR A 519 -5.30 13.76 33.10
N LEU A 520 -6.11 12.75 32.81
CA LEU A 520 -6.43 12.39 31.43
C LEU A 520 -7.86 12.80 31.18
N ILE A 521 -8.06 13.63 30.16
CA ILE A 521 -9.39 14.09 29.80
C ILE A 521 -9.63 13.86 28.32
N TYR A 522 -10.71 13.16 27.99
CA TYR A 522 -11.00 12.90 26.60
C TYR A 522 -12.49 12.78 26.39
N LYS A 523 -12.92 12.89 25.13
CA LYS A 523 -14.33 12.75 24.86
C LYS A 523 -14.57 11.95 23.58
N LYS A 524 -15.77 11.36 23.51
CA LYS A 524 -16.20 10.56 22.39
C LYS A 524 -17.45 11.22 21.81
N THR A 525 -17.46 11.42 20.50
CA THR A 525 -18.61 12.04 19.87
C THR A 525 -18.86 11.46 18.49
N ASP A 526 -20.13 11.18 18.20
CA ASP A 526 -20.49 10.64 16.90
C ASP A 526 -21.32 11.68 16.15
N GLY A 527 -21.32 12.90 16.66
CA GLY A 527 -22.08 13.96 16.03
C GLY A 527 -23.44 14.14 16.69
N ASP A 528 -23.97 13.04 17.22
CA ASP A 528 -25.27 13.07 17.88
C ASP A 528 -25.12 13.21 19.39
N GLU A 529 -24.24 12.41 19.97
CA GLU A 529 -24.00 12.43 21.40
C GLU A 529 -22.55 12.70 21.73
N THR A 530 -22.31 13.19 22.92
CA THR A 530 -20.97 13.50 23.37
C THR A 530 -20.80 13.02 24.80
N VAL A 531 -19.77 12.20 25.02
CA VAL A 531 -19.49 11.67 26.35
C VAL A 531 -18.11 12.15 26.76
N LEU A 532 -18.04 12.81 27.90
CA LEU A 532 -16.78 13.33 28.42
C LEU A 532 -16.25 12.43 29.53
N VAL A 533 -15.00 12.00 29.41
CA VAL A 533 -14.41 11.12 30.42
C VAL A 533 -13.25 11.82 31.10
N ILE A 534 -13.27 11.83 32.42
CA ILE A 534 -12.23 12.45 33.20
C ILE A 534 -11.60 11.41 34.11
N ILE A 535 -10.29 11.24 34.01
CA ILE A 535 -9.56 10.25 34.79
C ILE A 535 -8.41 10.84 35.59
N ASN A 536 -8.38 10.55 36.88
CA ASN A 536 -7.32 11.05 37.74
C ASN A 536 -6.33 9.93 37.97
N ARG A 537 -5.38 9.78 37.05
CA ARG A 537 -4.39 8.73 37.19
C ARG A 537 -3.26 9.16 38.13
N SER A 538 -3.56 9.28 39.42
CA SER A 538 -2.57 9.65 40.40
C SER A 538 -2.96 9.02 41.73
N ASP A 539 -2.02 8.99 42.65
CA ASP A 539 -2.23 8.40 43.97
C ASP A 539 -2.92 9.37 44.94
N GLN A 540 -3.06 10.63 44.52
CA GLN A 540 -3.68 11.64 45.36
C GLN A 540 -5.05 12.03 44.84
N LYS A 541 -5.81 12.75 45.67
CA LYS A 541 -7.13 13.22 45.28
C LYS A 541 -6.85 14.40 44.36
N ALA A 542 -7.77 14.69 43.45
CA ALA A 542 -7.56 15.79 42.52
C ALA A 542 -8.79 16.59 42.17
N ASP A 543 -8.56 17.87 41.90
CA ASP A 543 -9.60 18.80 41.49
C ASP A 543 -9.24 19.09 40.04
N ILE A 544 -9.84 18.34 39.12
CA ILE A 544 -9.55 18.49 37.70
C ILE A 544 -10.49 19.45 36.98
N PRO A 545 -9.93 20.56 36.44
CA PRO A 545 -10.69 21.57 35.73
C PRO A 545 -11.25 21.03 34.41
N ILE A 546 -12.58 21.01 34.28
CA ILE A 546 -13.25 20.52 33.09
C ILE A 546 -13.35 21.66 32.06
N PRO A 547 -12.50 21.65 31.02
CA PRO A 547 -12.50 22.69 30.00
C PRO A 547 -13.72 22.69 29.07
N LEU A 548 -14.80 23.35 29.50
CA LEU A 548 -16.02 23.42 28.72
C LEU A 548 -16.62 24.82 28.72
N ASP A 549 -17.78 24.93 28.06
CA ASP A 549 -18.49 26.20 27.97
C ASP A 549 -19.32 26.42 29.23
N ALA A 550 -19.65 27.68 29.51
CA ALA A 550 -20.42 28.03 30.70
C ALA A 550 -21.92 27.83 30.48
N ARG A 551 -22.65 28.93 30.49
CA ARG A 551 -24.10 28.92 30.31
C ARG A 551 -24.53 28.08 29.11
N GLY A 552 -25.53 27.22 29.32
CA GLY A 552 -26.04 26.38 28.25
C GLY A 552 -25.64 24.92 28.34
N THR A 553 -24.52 24.63 29.01
CA THR A 553 -24.04 23.26 29.13
C THR A 553 -24.58 22.47 30.32
N TRP A 554 -25.16 21.31 30.02
CA TRP A 554 -25.71 20.42 31.03
C TRP A 554 -25.02 19.07 30.96
N LEU A 555 -24.76 18.51 32.13
CA LEU A 555 -24.05 17.24 32.23
C LEU A 555 -24.82 16.20 33.01
N VAL A 556 -24.67 14.94 32.59
CA VAL A 556 -25.30 13.81 33.25
C VAL A 556 -24.24 12.77 33.56
N ASN A 557 -24.09 12.45 34.84
CA ASN A 557 -23.12 11.45 35.26
C ASN A 557 -23.66 10.09 34.82
N LEU A 558 -22.94 9.41 33.94
CA LEU A 558 -23.39 8.12 33.43
C LEU A 558 -23.54 7.01 34.47
N LEU A 559 -22.63 6.97 35.44
CA LEU A 559 -22.68 5.94 36.46
C LEU A 559 -23.70 6.18 37.56
N THR A 560 -23.90 7.43 37.97
CA THR A 560 -24.85 7.73 39.04
C THR A 560 -26.14 8.33 38.51
N GLY A 561 -26.11 8.87 37.30
CA GLY A 561 -27.30 9.46 36.72
C GLY A 561 -27.58 10.88 37.16
N GLU A 562 -26.77 11.42 38.08
CA GLU A 562 -26.99 12.78 38.54
C GLU A 562 -26.85 13.79 37.43
N ARG A 563 -27.83 14.68 37.35
CA ARG A 563 -27.87 15.72 36.35
C ARG A 563 -27.56 17.06 37.03
N PHE A 564 -26.84 17.93 36.32
CA PHE A 564 -26.52 19.26 36.85
C PHE A 564 -26.06 20.24 35.77
N ALA A 565 -26.27 21.52 36.02
CA ALA A 565 -25.89 22.55 35.07
C ALA A 565 -24.47 23.02 35.33
N ALA A 566 -23.80 23.48 34.26
CA ALA A 566 -22.43 23.97 34.38
C ALA A 566 -22.47 25.45 34.76
N GLU A 567 -21.95 25.77 35.94
CA GLU A 567 -21.92 27.13 36.45
C GLU A 567 -21.42 28.16 35.44
N ALA A 568 -20.10 28.27 35.32
CA ALA A 568 -19.48 29.20 34.38
C ALA A 568 -18.34 28.51 33.65
N GLU A 569 -17.14 29.11 33.75
CA GLU A 569 -15.95 28.55 33.12
C GLU A 569 -15.18 27.80 34.21
N THR A 570 -15.72 27.84 35.42
CA THR A 570 -15.09 27.20 36.57
C THR A 570 -15.74 25.88 36.99
N LEU A 571 -15.67 24.87 36.12
CA LEU A 571 -16.23 23.55 36.43
C LEU A 571 -15.11 22.59 36.82
N CYS A 572 -14.88 22.48 38.12
CA CYS A 572 -13.83 21.63 38.64
C CYS A 572 -14.42 20.35 39.21
N THR A 573 -14.02 19.21 38.66
CA THR A 573 -14.52 17.93 39.14
C THR A 573 -13.54 17.35 40.17
N SER A 574 -14.06 16.92 41.31
CA SER A 574 -13.22 16.37 42.37
C SER A 574 -13.26 14.85 42.35
N LEU A 575 -12.09 14.24 42.29
CA LEU A 575 -11.99 12.79 42.23
C LEU A 575 -11.02 12.25 43.26
N PRO A 576 -11.27 11.03 43.74
CA PRO A 576 -10.41 10.38 44.73
C PRO A 576 -9.24 9.76 43.98
N PRO A 577 -8.24 9.25 44.70
CA PRO A 577 -7.09 8.63 44.02
C PRO A 577 -7.53 7.66 42.92
N TYR A 578 -6.99 7.84 41.71
CA TYR A 578 -7.33 6.97 40.59
C TYR A 578 -8.82 6.95 40.29
N GLY A 579 -9.51 8.03 40.64
CA GLY A 579 -10.94 8.12 40.39
C GLY A 579 -11.22 8.53 38.97
N PHE A 580 -12.48 8.45 38.55
CA PHE A 580 -12.86 8.82 37.20
C PHE A 580 -14.35 9.12 37.18
N VAL A 581 -14.83 9.65 36.07
CA VAL A 581 -16.24 9.99 35.94
C VAL A 581 -16.58 10.19 34.46
N LEU A 582 -17.76 9.74 34.05
CA LEU A 582 -18.20 9.89 32.66
C LEU A 582 -19.43 10.80 32.62
N TYR A 583 -19.46 11.71 31.67
CA TYR A 583 -20.58 12.63 31.54
C TYR A 583 -21.12 12.65 30.13
N ALA A 584 -22.44 12.70 30.01
CA ALA A 584 -23.05 12.82 28.68
C ALA A 584 -23.18 14.34 28.62
N ILE A 585 -22.85 14.95 27.49
CA ILE A 585 -22.96 16.40 27.39
C ILE A 585 -24.26 16.84 26.75
N GLU A 586 -24.67 18.07 27.03
CA GLU A 586 -25.89 18.65 26.47
C GLU A 586 -25.73 20.17 26.39
N HIS A 587 -26.02 20.74 25.22
CA HIS A 587 -25.92 22.17 25.04
C HIS A 587 -27.30 22.68 24.63
N TRP A 588 -27.89 23.56 25.45
CA TRP A 588 -29.21 24.09 25.13
C TRP A 588 -29.18 25.62 25.14
N MET B 1 18.52 17.82 15.01
CA MET B 1 17.87 16.68 14.29
C MET B 1 16.36 16.88 14.19
N ARG B 2 15.87 17.13 12.99
CA ARG B 2 14.44 17.34 12.77
C ARG B 2 13.72 16.01 12.67
N LYS B 3 13.03 15.64 13.74
CA LYS B 3 12.31 14.39 13.81
C LYS B 3 11.12 14.33 12.87
N GLU B 4 10.48 15.48 12.65
CA GLU B 4 9.33 15.56 11.77
C GLU B 4 9.66 15.24 10.32
N ALA B 5 10.95 15.26 10.02
CA ALA B 5 11.40 14.99 8.67
C ALA B 5 11.79 13.53 8.48
N ILE B 6 12.03 12.84 9.59
CA ILE B 6 12.43 11.45 9.49
C ILE B 6 11.21 10.60 9.18
N TYR B 7 11.40 9.57 8.37
CA TYR B 7 10.29 8.73 8.02
C TYR B 7 10.62 7.37 7.45
N HIS B 8 9.84 6.40 7.91
CA HIS B 8 9.91 5.03 7.41
C HIS B 8 8.61 4.35 7.79
N ARG B 9 8.13 3.46 6.94
CA ARG B 9 6.94 2.68 7.22
C ARG B 9 7.05 1.45 6.32
N PRO B 10 7.11 0.25 6.91
CA PRO B 10 7.24 -1.06 6.26
C PRO B 10 6.30 -1.37 5.11
N ALA B 11 6.60 -0.83 3.94
CA ALA B 11 5.80 -1.07 2.75
C ALA B 11 6.24 -0.25 1.54
N ASP B 12 5.53 -0.44 0.45
CA ASP B 12 5.78 0.29 -0.78
C ASP B 12 7.25 0.55 -1.14
N ASN B 13 7.66 1.82 -1.10
CA ASN B 13 9.02 2.16 -1.46
C ASN B 13 10.04 2.17 -0.33
N PHE B 14 9.60 2.00 0.91
CA PHE B 14 10.52 2.00 2.04
C PHE B 14 11.01 0.63 2.52
N ALA B 15 10.21 -0.42 2.29
CA ALA B 15 10.61 -1.77 2.69
C ALA B 15 9.94 -2.73 1.74
N TYR B 16 10.76 -3.50 1.02
CA TYR B 16 10.23 -4.44 0.05
C TYR B 16 11.28 -5.47 -0.32
N ALA B 17 10.83 -6.62 -0.84
CA ALA B 17 11.72 -7.69 -1.26
C ALA B 17 12.21 -7.35 -2.66
N TYR B 18 13.52 -7.38 -2.86
CA TYR B 18 14.07 -7.09 -4.18
C TYR B 18 14.03 -8.38 -4.98
N ASP B 19 14.35 -9.48 -4.31
CA ASP B 19 14.32 -10.81 -4.90
C ASP B 19 14.02 -11.79 -3.77
N SER B 20 13.87 -13.07 -4.10
CA SER B 20 13.54 -14.11 -3.14
C SER B 20 14.36 -14.16 -1.85
N GLU B 21 15.55 -13.57 -1.83
CA GLU B 21 16.36 -13.62 -0.63
C GLU B 21 16.88 -12.28 -0.14
N THR B 22 16.52 -11.20 -0.81
CA THR B 22 17.03 -9.88 -0.45
C THR B 22 15.98 -8.81 -0.15
N LEU B 23 16.16 -8.12 0.96
CA LEU B 23 15.24 -7.06 1.35
C LEU B 23 15.93 -5.73 1.17
N HIS B 24 15.13 -4.73 0.79
CA HIS B 24 15.62 -3.38 0.61
C HIS B 24 14.88 -2.55 1.64
N LEU B 25 15.59 -1.58 2.23
CA LEU B 25 14.99 -0.73 3.22
C LEU B 25 15.45 0.70 3.01
N ARG B 26 14.53 1.65 3.09
CA ARG B 26 14.87 3.05 2.91
C ARG B 26 14.53 3.86 4.15
N LEU B 27 15.21 4.99 4.27
CA LEU B 27 14.99 5.93 5.36
C LEU B 27 15.07 7.31 4.76
N ARG B 28 14.17 8.19 5.19
CA ARG B 28 14.16 9.57 4.71
C ARG B 28 14.37 10.49 5.90
N THR B 29 15.31 11.42 5.77
CA THR B 29 15.62 12.38 6.83
C THR B 29 15.75 13.76 6.18
N LYS B 30 15.88 14.81 6.99
CA LYS B 30 16.01 16.14 6.43
C LYS B 30 17.36 16.25 5.74
N LYS B 31 17.39 16.82 4.54
CA LYS B 31 18.64 16.94 3.81
C LYS B 31 19.77 17.53 4.69
N ASP B 32 20.91 16.85 4.68
CA ASP B 32 22.10 17.25 5.44
C ASP B 32 21.89 17.40 6.93
N ASP B 33 20.85 16.76 7.45
CA ASP B 33 20.56 16.86 8.87
C ASP B 33 21.17 15.69 9.65
N ILE B 34 21.31 14.55 8.98
CA ILE B 34 21.86 13.35 9.59
C ILE B 34 23.16 13.02 8.89
N ASP B 35 24.20 12.73 9.67
CA ASP B 35 25.49 12.44 9.08
C ASP B 35 25.63 11.00 8.62
N ARG B 36 25.14 10.07 9.42
CA ARG B 36 25.20 8.67 9.02
C ARG B 36 24.01 7.95 9.64
N VAL B 37 23.64 6.82 9.05
CA VAL B 37 22.53 6.04 9.55
C VAL B 37 22.91 4.58 9.57
N GLU B 38 22.63 3.93 10.69
CA GLU B 38 22.92 2.52 10.81
C GLU B 38 21.62 1.75 10.93
N LEU B 39 21.55 0.63 10.22
CA LEU B 39 20.39 -0.23 10.24
C LEU B 39 20.57 -1.23 11.36
N LEU B 40 19.62 -1.24 12.28
CA LEU B 40 19.65 -2.18 13.38
C LEU B 40 18.71 -3.28 12.91
N HIS B 41 19.19 -4.51 12.82
CA HIS B 41 18.35 -5.59 12.33
C HIS B 41 18.68 -6.94 12.91
N GLY B 42 17.68 -7.81 12.91
CA GLY B 42 17.83 -9.16 13.40
C GLY B 42 16.57 -9.95 13.10
N ASP B 43 16.54 -11.20 13.52
CA ASP B 43 15.37 -12.04 13.31
C ASP B 43 14.40 -11.73 14.45
N PRO B 44 13.10 -11.65 14.15
CA PRO B 44 12.13 -11.36 15.22
C PRO B 44 12.16 -12.34 16.38
N TYR B 45 12.60 -13.58 16.13
CA TYR B 45 12.63 -14.57 17.19
C TYR B 45 14.02 -14.92 17.70
N ASP B 46 14.97 -14.02 17.46
CA ASP B 46 16.35 -14.23 17.90
C ASP B 46 16.44 -14.53 19.40
N TRP B 47 15.48 -14.01 20.17
CA TRP B 47 15.46 -14.22 21.62
C TRP B 47 15.43 -15.70 21.98
N GLN B 48 14.69 -16.49 21.20
CA GLN B 48 14.57 -17.91 21.46
C GLN B 48 15.96 -18.54 21.55
N ASN B 49 16.83 -18.11 20.65
CA ASN B 49 18.21 -18.61 20.63
C ASN B 49 19.12 -17.70 21.46
N GLY B 50 18.50 -16.81 22.22
CA GLY B 50 19.24 -15.89 23.06
C GLY B 50 20.04 -14.81 22.35
N ALA B 51 19.52 -14.31 21.23
CA ALA B 51 20.21 -13.27 20.48
C ALA B 51 19.48 -11.93 20.58
N TRP B 52 19.52 -11.33 21.77
CA TRP B 52 18.85 -10.04 22.02
C TRP B 52 19.57 -8.85 21.38
N GLN B 53 20.88 -8.97 21.18
CA GLN B 53 21.63 -7.87 20.59
C GLN B 53 21.47 -7.82 19.08
N PHE B 54 21.08 -6.65 18.57
CA PHE B 54 20.89 -6.42 17.13
C PHE B 54 22.19 -6.47 16.37
N GLN B 55 22.09 -6.78 15.07
CA GLN B 55 23.25 -6.75 14.20
C GLN B 55 23.18 -5.33 13.65
N MET B 56 24.31 -4.78 13.20
CA MET B 56 24.31 -3.42 12.68
C MET B 56 24.92 -3.34 11.27
N MET B 57 24.30 -2.54 10.42
CA MET B 57 24.75 -2.37 9.04
C MET B 57 24.63 -0.89 8.69
N PRO B 58 25.69 -0.28 8.16
CA PRO B 58 25.53 1.14 7.83
C PRO B 58 24.71 1.31 6.56
N MET B 59 23.88 2.35 6.52
CA MET B 59 23.07 2.60 5.33
C MET B 59 23.81 3.59 4.44
N ARG B 60 23.53 3.54 3.14
CA ARG B 60 24.18 4.43 2.19
C ARG B 60 23.20 5.50 1.73
N LYS B 61 23.66 6.74 1.63
CA LYS B 61 22.81 7.83 1.16
C LYS B 61 22.77 7.71 -0.37
N THR B 62 21.59 7.46 -0.92
CA THR B 62 21.46 7.28 -2.36
C THR B 62 21.05 8.52 -3.15
N GLY B 63 20.70 9.59 -2.44
CA GLY B 63 20.29 10.79 -3.14
C GLY B 63 19.58 11.75 -2.21
N SER B 64 19.17 12.88 -2.77
CA SER B 64 18.48 13.91 -2.02
C SER B 64 17.57 14.65 -2.98
N ASP B 65 16.37 15.01 -2.52
CA ASP B 65 15.48 15.79 -3.35
C ASP B 65 15.51 17.18 -2.72
N GLU B 66 14.52 18.01 -3.02
CA GLU B 66 14.49 19.36 -2.46
C GLU B 66 14.61 19.38 -0.94
N LEU B 67 13.97 18.42 -0.28
CA LEU B 67 13.95 18.42 1.17
C LEU B 67 14.64 17.32 1.95
N PHE B 68 14.65 16.12 1.39
CA PHE B 68 15.19 14.98 2.13
C PHE B 68 16.40 14.26 1.56
N ASP B 69 17.02 13.47 2.43
CA ASP B 69 18.13 12.62 2.03
C ASP B 69 17.48 11.24 2.08
N TYR B 70 17.94 10.33 1.24
CA TYR B 70 17.38 8.97 1.23
C TYR B 70 18.49 7.96 1.50
N TRP B 71 18.27 7.15 2.53
CA TRP B 71 19.22 6.13 2.92
C TRP B 71 18.79 4.77 2.40
N PHE B 72 19.75 3.89 2.20
CA PHE B 72 19.46 2.57 1.64
C PHE B 72 20.29 1.43 2.20
N ALA B 73 19.67 0.27 2.33
CA ALA B 73 20.35 -0.92 2.81
C ALA B 73 19.64 -2.16 2.28
N GLU B 74 20.42 -3.15 1.88
CA GLU B 74 19.84 -4.39 1.43
C GLU B 74 20.23 -5.38 2.49
N VAL B 75 19.31 -6.27 2.85
CA VAL B 75 19.58 -7.26 3.87
C VAL B 75 19.11 -8.64 3.43
N LYS B 76 19.90 -9.64 3.74
CA LYS B 76 19.54 -11.01 3.41
C LYS B 76 19.29 -11.72 4.72
N PRO B 77 18.04 -11.61 5.24
CA PRO B 77 17.65 -12.24 6.51
C PRO B 77 18.00 -13.72 6.48
N PRO B 78 18.69 -14.20 7.53
CA PRO B 78 19.06 -15.61 7.57
C PRO B 78 17.84 -16.54 7.45
N TYR B 79 16.72 -16.17 8.06
CA TYR B 79 15.53 -17.00 7.98
C TYR B 79 14.33 -16.29 7.34
N ARG B 80 14.62 -15.28 6.54
CA ARG B 80 13.59 -14.53 5.82
C ARG B 80 12.61 -13.73 6.69
N ARG B 81 12.96 -13.52 7.95
CA ARG B 81 12.13 -12.75 8.89
C ARG B 81 13.00 -11.62 9.44
N LEU B 82 12.43 -10.43 9.60
CA LEU B 82 13.23 -9.32 10.08
C LEU B 82 12.55 -8.27 10.94
N ARG B 83 13.25 -7.87 12.00
CA ARG B 83 12.80 -6.85 12.92
C ARG B 83 13.94 -5.84 12.87
N TYR B 84 13.60 -4.56 12.70
CA TYR B 84 14.64 -3.56 12.57
C TYR B 84 14.29 -2.18 13.10
N GLY B 85 15.33 -1.35 13.20
CA GLY B 85 15.19 0.02 13.67
C GLY B 85 16.33 0.79 13.03
N PHE B 86 16.37 2.10 13.23
CA PHE B 86 17.42 2.90 12.63
C PHE B 86 18.13 3.73 13.69
N VAL B 87 19.46 3.78 13.61
CA VAL B 87 20.20 4.59 14.57
C VAL B 87 20.72 5.76 13.76
N LEU B 88 20.29 6.97 14.12
CA LEU B 88 20.70 8.14 13.37
C LEU B 88 21.72 9.05 14.08
N TYR B 89 22.81 9.33 13.39
CA TYR B 89 23.87 10.16 13.94
C TYR B 89 23.90 11.56 13.32
N SER B 90 23.67 12.57 14.17
CA SER B 90 23.65 13.96 13.75
C SER B 90 24.86 14.65 14.38
N GLY B 91 25.87 13.84 14.71
CA GLY B 91 27.07 14.37 15.34
C GLY B 91 27.24 13.73 16.69
N GLU B 92 26.89 14.47 17.75
CA GLU B 92 26.98 13.94 19.10
C GLU B 92 25.62 13.37 19.45
N GLU B 93 24.59 13.96 18.86
CA GLU B 93 23.22 13.51 19.08
C GLU B 93 23.11 12.11 18.48
N LYS B 94 22.26 11.29 19.08
CA LYS B 94 22.07 9.92 18.60
C LYS B 94 20.66 9.45 18.93
N LEU B 95 19.87 9.14 17.91
CA LEU B 95 18.51 8.69 18.13
C LEU B 95 18.22 7.34 17.48
N VAL B 96 17.39 6.56 18.15
CA VAL B 96 16.98 5.26 17.67
C VAL B 96 15.56 5.47 17.16
N TYR B 97 15.38 5.36 15.86
CA TYR B 97 14.07 5.53 15.24
C TYR B 97 13.40 4.17 15.10
N THR B 98 12.23 4.02 15.71
CA THR B 98 11.49 2.76 15.68
C THR B 98 10.01 3.00 15.41
N GLU B 99 9.26 1.91 15.25
CA GLU B 99 7.82 2.01 15.01
C GLU B 99 7.17 2.69 16.20
N LYS B 100 7.70 2.41 17.39
CA LYS B 100 7.18 2.96 18.62
C LYS B 100 7.64 4.40 18.87
N GLY B 101 8.65 4.85 18.12
CA GLY B 101 9.11 6.21 18.32
C GLY B 101 10.61 6.36 18.41
N PHE B 102 11.06 7.53 18.87
CA PHE B 102 12.47 7.79 19.01
C PHE B 102 12.95 7.56 20.43
N TYR B 103 14.19 7.12 20.56
CA TYR B 103 14.78 6.86 21.87
C TYR B 103 16.23 7.28 21.82
N PHE B 104 16.85 7.44 22.98
CA PHE B 104 18.24 7.87 23.06
C PHE B 104 19.21 6.70 22.97
N GLU B 105 18.68 5.49 23.13
CA GLU B 105 19.48 4.27 23.06
C GLU B 105 18.48 3.15 22.78
N VAL B 106 18.94 2.04 22.22
CA VAL B 106 18.01 0.95 21.93
C VAL B 106 17.45 0.46 23.26
N PRO B 107 16.12 0.37 23.37
CA PRO B 107 15.46 -0.08 24.61
C PRO B 107 16.12 -1.33 25.19
N THR B 108 16.35 -1.31 26.50
CA THR B 108 16.99 -2.42 27.19
C THR B 108 16.05 -3.58 27.54
N ASP B 109 14.74 -3.38 27.36
CA ASP B 109 13.76 -4.41 27.67
C ASP B 109 13.31 -5.19 26.44
N ASP B 110 12.48 -6.19 26.66
CA ASP B 110 11.97 -7.04 25.58
C ASP B 110 10.61 -6.61 25.05
N THR B 111 10.47 -5.33 24.70
CA THR B 111 9.20 -4.84 24.16
C THR B 111 9.30 -4.63 22.64
N ALA B 112 8.19 -4.87 21.94
CA ALA B 112 8.14 -4.73 20.49
C ALA B 112 8.13 -3.28 20.00
N TYR B 113 9.31 -2.69 19.84
CA TYR B 113 9.41 -1.30 19.37
C TYR B 113 9.68 -1.19 17.88
N TYR B 114 10.21 -2.26 17.30
CA TYR B 114 10.65 -2.21 15.92
C TYR B 114 9.75 -2.48 14.73
N PHE B 115 10.17 -1.94 13.60
CA PHE B 115 9.46 -2.12 12.36
C PHE B 115 9.68 -3.59 12.07
N CYS B 116 8.83 -4.18 11.24
CA CYS B 116 8.97 -5.58 10.94
C CYS B 116 8.63 -5.93 9.51
N PHE B 117 9.42 -6.83 8.94
CA PHE B 117 9.16 -7.35 7.61
C PHE B 117 8.96 -8.82 7.96
N PRO B 118 7.71 -9.22 8.21
CA PRO B 118 7.25 -10.57 8.57
C PRO B 118 7.98 -11.72 7.90
N PHE B 119 7.83 -11.83 6.60
CA PHE B 119 8.44 -12.92 5.88
C PHE B 119 8.67 -12.56 4.42
N LEU B 120 9.69 -13.15 3.83
CA LEU B 120 10.00 -12.91 2.44
C LEU B 120 9.41 -14.04 1.60
N HIS B 121 8.31 -13.76 0.93
CA HIS B 121 7.64 -14.75 0.08
C HIS B 121 7.93 -14.46 -1.38
N ARG B 122 8.38 -15.48 -2.11
CA ARG B 122 8.66 -15.31 -3.52
C ARG B 122 7.37 -14.93 -4.24
N VAL B 123 6.26 -15.51 -3.82
CA VAL B 123 4.98 -15.23 -4.46
C VAL B 123 4.52 -13.77 -4.37
N ASP B 124 4.89 -13.06 -3.30
CA ASP B 124 4.49 -11.66 -3.14
C ASP B 124 5.42 -10.69 -3.83
N LEU B 125 6.58 -11.19 -4.22
CA LEU B 125 7.62 -10.43 -4.87
C LEU B 125 7.16 -9.72 -6.15
N PHE B 126 7.51 -8.44 -6.28
CA PHE B 126 7.16 -7.69 -7.49
C PHE B 126 8.10 -8.16 -8.60
N GLU B 127 7.54 -8.56 -9.73
CA GLU B 127 8.40 -9.06 -10.80
C GLU B 127 7.86 -8.80 -12.21
N ALA B 128 8.55 -7.93 -12.95
CA ALA B 128 8.17 -7.61 -14.32
C ALA B 128 9.03 -8.47 -15.23
N PRO B 129 8.55 -8.74 -16.46
CA PRO B 129 9.34 -9.57 -17.40
C PRO B 129 10.73 -8.99 -17.54
N ASP B 130 11.74 -9.80 -17.31
CA ASP B 130 13.12 -9.34 -17.38
C ASP B 130 13.56 -8.71 -18.71
N TRP B 131 12.94 -9.10 -19.81
CA TRP B 131 13.32 -8.55 -21.10
C TRP B 131 13.02 -7.06 -21.33
N VAL B 132 11.98 -6.52 -20.69
CA VAL B 132 11.64 -5.11 -20.87
C VAL B 132 12.81 -4.22 -20.45
N LYS B 133 13.61 -4.70 -19.50
CA LYS B 133 14.74 -3.94 -19.00
C LYS B 133 15.79 -3.66 -20.07
N ASP B 134 15.75 -4.42 -21.16
CA ASP B 134 16.71 -4.22 -22.25
C ASP B 134 15.99 -3.76 -23.51
N THR B 135 14.71 -3.43 -23.37
CA THR B 135 13.92 -3.01 -24.51
C THR B 135 13.83 -1.49 -24.66
N VAL B 136 13.93 -1.05 -25.92
CA VAL B 136 13.79 0.36 -26.25
C VAL B 136 12.58 0.33 -27.14
N TRP B 137 11.47 0.87 -26.65
CA TRP B 137 10.22 0.86 -27.42
C TRP B 137 10.09 1.99 -28.42
N TYR B 138 9.18 1.80 -29.37
CA TYR B 138 8.88 2.78 -30.41
C TYR B 138 7.36 2.85 -30.44
N GLN B 139 6.78 3.99 -30.09
CA GLN B 139 5.32 4.09 -30.09
C GLN B 139 4.80 4.48 -31.47
N ILE B 140 3.79 3.75 -31.93
CA ILE B 140 3.22 4.01 -33.23
C ILE B 140 1.72 4.28 -33.22
N PHE B 141 1.36 5.41 -33.82
CA PHE B 141 -0.03 5.80 -33.96
C PHE B 141 -0.26 5.38 -35.41
N PRO B 142 -0.74 4.14 -35.64
CA PRO B 142 -1.01 3.52 -36.95
C PRO B 142 -1.60 4.40 -38.03
N GLU B 143 -2.69 5.09 -37.71
CA GLU B 143 -3.37 5.95 -38.68
C GLU B 143 -2.39 6.92 -39.31
N ARG B 144 -1.24 7.12 -38.67
CA ARG B 144 -0.27 8.08 -39.18
C ARG B 144 1.17 7.58 -39.41
N PHE B 145 1.39 6.28 -39.41
CA PHE B 145 2.76 5.81 -39.62
C PHE B 145 3.11 5.60 -41.10
N ALA B 146 2.30 4.84 -41.82
CA ALA B 146 2.55 4.60 -43.23
C ALA B 146 1.34 4.02 -43.94
N ASN B 147 1.13 4.43 -45.18
CA ASN B 147 0.03 3.96 -45.99
C ASN B 147 0.57 2.87 -46.91
N GLY B 148 0.51 1.62 -46.44
CA GLY B 148 1.00 0.49 -47.20
C GLY B 148 -0.12 -0.27 -47.89
N ASN B 149 -1.36 0.09 -47.60
CA ASN B 149 -2.50 -0.57 -48.22
C ASN B 149 -3.55 0.48 -48.58
N PRO B 150 -3.33 1.18 -49.70
CA PRO B 150 -4.23 2.24 -50.18
C PRO B 150 -5.71 1.85 -50.31
N SER B 151 -5.96 0.61 -50.72
CA SER B 151 -7.33 0.13 -50.92
C SER B 151 -8.24 0.10 -49.69
N ILE B 152 -7.64 0.09 -48.49
CA ILE B 152 -8.44 0.04 -47.28
C ILE B 152 -8.53 1.38 -46.53
N SER B 153 -7.83 2.38 -47.03
CA SER B 153 -7.84 3.70 -46.41
C SER B 153 -9.27 4.25 -46.32
N PRO B 154 -9.60 5.00 -45.25
CA PRO B 154 -10.93 5.58 -45.10
C PRO B 154 -11.34 6.40 -46.33
N GLU B 155 -12.62 6.37 -46.66
CA GLU B 155 -13.16 7.07 -47.82
C GLU B 155 -12.50 8.41 -48.15
N GLY B 156 -12.47 9.33 -47.19
CA GLY B 156 -11.88 10.64 -47.46
C GLY B 156 -10.49 10.87 -46.89
N SER B 157 -9.57 9.96 -47.15
CA SER B 157 -8.21 10.10 -46.64
C SER B 157 -7.44 11.18 -47.40
N ARG B 158 -7.04 12.22 -46.70
CA ARG B 158 -6.28 13.30 -47.30
C ARG B 158 -4.91 12.80 -47.73
N PRO B 159 -4.29 13.44 -48.74
CA PRO B 159 -2.97 13.01 -49.21
C PRO B 159 -1.96 12.93 -48.05
N TRP B 160 -1.23 11.82 -47.99
CA TRP B 160 -0.26 11.59 -46.94
C TRP B 160 0.61 12.79 -46.56
N GLY B 161 0.60 13.15 -45.28
CA GLY B 161 1.39 14.26 -44.77
C GLY B 161 1.22 15.58 -45.49
N SER B 162 0.15 15.71 -46.28
CA SER B 162 -0.12 16.93 -47.03
C SER B 162 -0.51 18.10 -46.15
N GLU B 163 -1.27 17.83 -45.10
CA GLU B 163 -1.73 18.87 -44.19
C GLU B 163 -1.75 18.45 -42.72
N ASP B 164 -2.02 19.41 -41.84
CA ASP B 164 -2.08 19.17 -40.40
C ASP B 164 -3.26 18.29 -40.03
N PRO B 165 -3.03 17.31 -39.15
CA PRO B 165 -4.10 16.42 -38.72
C PRO B 165 -5.14 17.15 -37.87
N THR B 166 -6.36 16.65 -37.87
CA THR B 166 -7.44 17.24 -37.09
C THR B 166 -8.08 16.13 -36.27
N PRO B 167 -8.95 16.48 -35.33
CA PRO B 167 -9.61 15.47 -34.49
C PRO B 167 -10.40 14.44 -35.30
N THR B 168 -10.71 14.76 -36.56
CA THR B 168 -11.49 13.86 -37.39
C THR B 168 -10.84 13.43 -38.71
N SER B 169 -9.65 13.96 -39.01
CA SER B 169 -8.96 13.62 -40.24
C SER B 169 -8.37 12.21 -40.30
N PHE B 170 -8.23 11.70 -41.53
CA PHE B 170 -7.67 10.37 -41.81
C PHE B 170 -6.61 10.50 -42.92
N PHE B 171 -5.60 9.63 -42.88
CA PHE B 171 -4.56 9.65 -43.90
C PHE B 171 -4.29 8.25 -44.43
N GLY B 172 -5.08 7.29 -43.97
CA GLY B 172 -4.93 5.92 -44.43
C GLY B 172 -3.73 5.14 -43.93
N GLY B 173 -3.28 5.42 -42.71
CA GLY B 173 -2.14 4.69 -42.17
C GLY B 173 -2.63 3.30 -41.85
N ASP B 174 -1.75 2.30 -41.88
CA ASP B 174 -2.17 0.93 -41.59
C ASP B 174 -1.05 -0.02 -41.20
N LEU B 175 -1.44 -1.23 -40.84
CA LEU B 175 -0.50 -2.26 -40.43
C LEU B 175 0.55 -2.61 -41.48
N GLN B 176 0.13 -2.74 -42.74
CA GLN B 176 1.06 -3.07 -43.81
C GLN B 176 2.16 -2.01 -43.85
N GLY B 177 1.77 -0.76 -43.59
CA GLY B 177 2.73 0.33 -43.59
C GLY B 177 3.84 0.12 -42.58
N ILE B 178 3.47 -0.44 -41.43
CA ILE B 178 4.43 -0.72 -40.36
C ILE B 178 5.32 -1.86 -40.85
N ILE B 179 4.69 -2.94 -41.30
CA ILE B 179 5.42 -4.08 -41.84
C ILE B 179 6.43 -3.62 -42.88
N ASP B 180 6.00 -2.76 -43.80
CA ASP B 180 6.88 -2.24 -44.85
C ASP B 180 8.07 -1.44 -44.34
N HIS B 181 7.94 -0.82 -43.17
CA HIS B 181 9.03 -0.03 -42.62
C HIS B 181 9.78 -0.64 -41.44
N LEU B 182 9.52 -1.91 -41.14
CA LEU B 182 10.20 -2.55 -40.02
C LEU B 182 11.72 -2.46 -40.13
N ASP B 183 12.24 -2.56 -41.35
CA ASP B 183 13.69 -2.47 -41.56
C ASP B 183 14.23 -1.15 -41.02
N TYR B 184 13.45 -0.09 -41.18
CA TYR B 184 13.86 1.23 -40.68
C TYR B 184 14.02 1.17 -39.17
N LEU B 185 13.08 0.50 -38.50
CA LEU B 185 13.13 0.36 -37.04
C LEU B 185 14.32 -0.51 -36.64
N VAL B 186 14.59 -1.55 -37.42
CA VAL B 186 15.70 -2.44 -37.14
C VAL B 186 17.02 -1.68 -37.18
N ASP B 187 17.17 -0.80 -38.18
CA ASP B 187 18.39 -0.02 -38.28
C ASP B 187 18.48 0.96 -37.13
N LEU B 188 17.34 1.51 -36.73
CA LEU B 188 17.32 2.48 -35.65
C LEU B 188 17.83 1.82 -34.36
N GLY B 189 17.46 0.57 -34.16
CA GLY B 189 17.90 -0.16 -32.98
C GLY B 189 16.75 -0.58 -32.08
N ILE B 190 15.53 -0.28 -32.52
CA ILE B 190 14.30 -0.60 -31.80
C ILE B 190 14.11 -2.09 -31.54
N THR B 191 13.68 -2.43 -30.33
CA THR B 191 13.43 -3.83 -29.98
C THR B 191 12.01 -4.08 -29.50
N GLY B 192 11.22 -3.01 -29.44
CA GLY B 192 9.84 -3.16 -29.00
C GLY B 192 8.95 -2.11 -29.63
N ILE B 193 7.74 -2.50 -30.00
CA ILE B 193 6.80 -1.57 -30.62
C ILE B 193 5.49 -1.47 -29.87
N TYR B 194 5.11 -0.26 -29.49
CA TYR B 194 3.87 -0.03 -28.79
C TYR B 194 2.88 0.65 -29.73
N LEU B 195 1.77 -0.03 -30.02
CA LEU B 195 0.73 0.48 -30.91
C LEU B 195 -0.46 1.00 -30.12
N THR B 196 -1.10 2.05 -30.63
CA THR B 196 -2.27 2.59 -29.98
C THR B 196 -3.42 1.70 -30.45
N PRO B 197 -4.64 1.89 -29.92
CA PRO B 197 -5.77 1.04 -30.33
C PRO B 197 -5.85 0.72 -31.83
N ILE B 198 -6.00 -0.56 -32.14
CA ILE B 198 -6.09 -1.00 -33.54
C ILE B 198 -7.37 -1.78 -33.76
N PHE B 199 -8.23 -1.83 -32.75
CA PHE B 199 -9.48 -2.55 -32.88
C PHE B 199 -10.52 -1.63 -33.50
N ARG B 200 -11.53 -2.21 -34.14
CA ARG B 200 -12.55 -1.42 -34.82
C ARG B 200 -13.15 -0.27 -34.03
N SER B 201 -13.03 0.92 -34.61
CA SER B 201 -13.53 2.16 -34.05
C SER B 201 -13.72 3.15 -35.21
N PRO B 202 -14.73 4.02 -35.13
CA PRO B 202 -14.94 4.98 -36.22
C PRO B 202 -13.89 6.09 -36.28
N SER B 203 -13.33 6.47 -35.14
CA SER B 203 -12.34 7.54 -35.08
C SER B 203 -10.96 7.16 -35.61
N ASN B 204 -10.09 8.16 -35.74
CA ASN B 204 -8.73 7.96 -36.22
C ASN B 204 -7.79 7.53 -35.09
N HIS B 205 -8.24 7.68 -33.84
CA HIS B 205 -7.43 7.31 -32.68
C HIS B 205 -7.91 5.96 -32.15
N LYS B 206 -9.22 5.74 -32.23
CA LYS B 206 -9.83 4.47 -31.82
C LYS B 206 -9.88 4.11 -30.35
N TYR B 207 -10.03 5.13 -29.49
CA TYR B 207 -10.12 4.89 -28.06
C TYR B 207 -11.59 4.70 -27.68
N ASP B 208 -12.46 4.89 -28.67
CA ASP B 208 -13.89 4.68 -28.51
C ASP B 208 -14.17 3.42 -29.33
N THR B 209 -13.89 2.28 -28.71
CA THR B 209 -14.02 0.97 -29.34
C THR B 209 -15.43 0.50 -29.71
N ALA B 210 -15.54 -0.04 -30.91
CA ALA B 210 -16.81 -0.56 -31.40
C ALA B 210 -16.83 -2.06 -31.11
N ASP B 211 -15.70 -2.72 -31.36
CA ASP B 211 -15.57 -4.16 -31.14
C ASP B 211 -14.13 -4.57 -30.80
N TYR B 212 -13.92 -5.14 -29.61
CA TYR B 212 -12.60 -5.56 -29.14
C TYR B 212 -12.05 -6.81 -29.82
N PHE B 213 -12.91 -7.61 -30.43
CA PHE B 213 -12.46 -8.83 -31.09
C PHE B 213 -12.28 -8.66 -32.59
N GLU B 214 -12.23 -7.43 -33.06
CA GLU B 214 -12.07 -7.20 -34.49
C GLU B 214 -11.02 -6.13 -34.82
N VAL B 215 -9.98 -6.52 -35.54
CA VAL B 215 -8.96 -5.56 -35.94
C VAL B 215 -9.72 -4.58 -36.84
N ASP B 216 -9.37 -3.30 -36.80
CA ASP B 216 -10.09 -2.34 -37.62
C ASP B 216 -9.85 -2.58 -39.11
N PRO B 217 -10.94 -2.73 -39.89
CA PRO B 217 -10.84 -2.97 -41.34
C PRO B 217 -9.91 -2.00 -42.08
N HIS B 218 -9.86 -0.75 -41.64
CA HIS B 218 -9.00 0.26 -42.27
C HIS B 218 -7.54 0.07 -41.90
N PHE B 219 -7.30 -0.66 -40.80
CA PHE B 219 -5.93 -0.93 -40.36
C PHE B 219 -5.44 -2.25 -40.96
N GLY B 220 -6.38 -3.19 -41.16
CA GLY B 220 -6.02 -4.48 -41.73
C GLY B 220 -6.93 -5.61 -41.27
N ASP B 221 -6.37 -6.82 -41.24
CA ASP B 221 -7.12 -8.00 -40.80
C ASP B 221 -6.23 -8.90 -39.95
N LYS B 222 -6.70 -10.11 -39.66
CA LYS B 222 -5.95 -11.06 -38.85
C LYS B 222 -4.57 -11.43 -39.38
N GLU B 223 -4.49 -11.85 -40.64
CA GLU B 223 -3.22 -12.26 -41.23
C GLU B 223 -2.23 -11.10 -41.41
N THR B 224 -2.74 -9.87 -41.41
CA THR B 224 -1.86 -8.72 -41.54
C THR B 224 -1.15 -8.57 -40.19
N LEU B 225 -1.94 -8.58 -39.12
CA LEU B 225 -1.42 -8.47 -37.76
C LEU B 225 -0.43 -9.59 -37.45
N LYS B 226 -0.86 -10.82 -37.71
CA LYS B 226 -0.02 -11.99 -37.47
C LYS B 226 1.33 -11.80 -38.14
N THR B 227 1.29 -11.37 -39.40
CA THR B 227 2.50 -11.13 -40.17
C THR B 227 3.40 -10.15 -39.41
N LEU B 228 2.86 -8.98 -39.13
CA LEU B 228 3.60 -7.93 -38.42
C LEU B 228 4.27 -8.45 -37.14
N ILE B 229 3.52 -9.18 -36.32
CA ILE B 229 4.07 -9.71 -35.08
C ILE B 229 5.16 -10.74 -35.34
N ASP B 230 4.96 -11.59 -36.35
CA ASP B 230 5.94 -12.61 -36.69
C ASP B 230 7.19 -11.93 -37.23
N ARG B 231 6.98 -11.00 -38.15
CA ARG B 231 8.08 -10.25 -38.76
C ARG B 231 8.88 -9.52 -37.68
N CYS B 232 8.19 -8.96 -36.70
CA CYS B 232 8.88 -8.25 -35.62
C CYS B 232 9.66 -9.24 -34.76
N HIS B 233 9.03 -10.35 -34.40
CA HIS B 233 9.66 -11.36 -33.58
C HIS B 233 10.94 -11.91 -34.21
N GLU B 234 10.89 -12.15 -35.52
CA GLU B 234 12.04 -12.67 -36.23
C GLU B 234 13.16 -11.65 -36.27
N LYS B 235 12.96 -10.54 -35.56
CA LYS B 235 13.96 -9.47 -35.51
C LYS B 235 14.15 -8.98 -34.07
N GLY B 236 13.67 -9.77 -33.11
CA GLY B 236 13.80 -9.43 -31.71
C GLY B 236 13.01 -8.20 -31.28
N ILE B 237 11.85 -8.01 -31.89
CA ILE B 237 11.03 -6.86 -31.55
C ILE B 237 9.70 -7.31 -30.94
N ARG B 238 9.49 -6.92 -29.69
CA ARG B 238 8.26 -7.28 -28.97
C ARG B 238 7.15 -6.33 -29.41
N VAL B 239 5.91 -6.79 -29.32
CA VAL B 239 4.78 -5.96 -29.72
C VAL B 239 3.79 -5.81 -28.59
N MET B 240 3.46 -4.57 -28.27
CA MET B 240 2.52 -4.27 -27.19
C MET B 240 1.29 -3.58 -27.75
N LEU B 241 0.11 -4.09 -27.40
CA LEU B 241 -1.15 -3.53 -27.88
C LEU B 241 -1.78 -2.61 -26.84
N ASP B 242 -2.70 -1.78 -27.32
CA ASP B 242 -3.40 -0.84 -26.45
C ASP B 242 -4.76 -1.41 -26.04
N ALA B 243 -4.94 -1.65 -24.75
CA ALA B 243 -6.20 -2.17 -24.23
C ALA B 243 -7.03 -0.99 -23.68
N VAL B 244 -8.19 -0.74 -24.30
CA VAL B 244 -9.07 0.35 -23.86
C VAL B 244 -10.25 -0.23 -23.08
N PHE B 245 -9.98 -0.66 -21.84
CA PHE B 245 -11.00 -1.29 -20.99
C PHE B 245 -11.84 -0.42 -20.06
N ASN B 246 -11.38 0.80 -19.78
CA ASN B 246 -12.11 1.68 -18.89
C ASN B 246 -13.46 2.11 -19.45
N HIS B 247 -13.51 2.27 -20.77
CA HIS B 247 -14.73 2.70 -21.44
C HIS B 247 -14.76 2.12 -22.83
N CYS B 248 -15.97 1.96 -23.36
CA CYS B 248 -16.17 1.43 -24.70
C CYS B 248 -16.66 2.56 -25.59
N GLY B 249 -16.78 2.28 -26.88
CA GLY B 249 -17.26 3.28 -27.82
C GLY B 249 -18.77 3.32 -27.88
N TYR B 250 -19.30 4.32 -28.60
CA TYR B 250 -20.73 4.49 -28.76
C TYR B 250 -21.31 3.33 -29.56
N GLU B 251 -20.52 2.83 -30.51
CA GLU B 251 -20.96 1.74 -31.36
C GLU B 251 -20.72 0.35 -30.79
N PHE B 252 -20.40 0.29 -29.51
CA PHE B 252 -20.19 -1.00 -28.88
C PHE B 252 -21.57 -1.63 -28.77
N ALA B 253 -21.77 -2.75 -29.47
CA ALA B 253 -23.05 -3.43 -29.47
C ALA B 253 -23.76 -3.41 -28.11
N PRO B 254 -23.10 -3.93 -27.05
CA PRO B 254 -23.73 -3.91 -25.73
C PRO B 254 -24.28 -2.55 -25.33
N PHE B 255 -23.55 -1.49 -25.66
CA PHE B 255 -23.99 -0.13 -25.34
C PHE B 255 -25.10 0.33 -26.28
N GLN B 256 -24.98 0.00 -27.56
CA GLN B 256 -26.00 0.39 -28.53
C GLN B 256 -27.34 -0.15 -28.05
N ASP B 257 -27.29 -1.32 -27.40
CA ASP B 257 -28.48 -1.97 -26.88
C ASP B 257 -29.15 -1.16 -25.77
N VAL B 258 -28.34 -0.59 -24.88
CA VAL B 258 -28.86 0.19 -23.76
C VAL B 258 -29.42 1.54 -24.21
N TRP B 259 -28.74 2.22 -25.12
CA TRP B 259 -29.20 3.52 -25.59
C TRP B 259 -30.49 3.36 -26.39
N LYS B 260 -30.77 2.13 -26.81
CA LYS B 260 -31.98 1.84 -27.59
C LYS B 260 -33.15 1.41 -26.72
N ASN B 261 -32.91 0.47 -25.82
CA ASN B 261 -33.97 -0.05 -24.95
C ASN B 261 -34.14 0.71 -23.64
N GLY B 262 -33.03 1.00 -22.96
CA GLY B 262 -33.12 1.71 -21.70
C GLY B 262 -33.05 0.76 -20.51
N GLU B 263 -33.82 1.06 -19.48
CA GLU B 263 -33.84 0.24 -18.27
C GLU B 263 -34.50 -1.11 -18.51
N SER B 264 -34.31 -1.65 -19.72
CA SER B 264 -34.89 -2.93 -20.11
C SER B 264 -33.79 -3.84 -20.65
N SER B 265 -32.81 -3.24 -21.31
CA SER B 265 -31.69 -3.97 -21.91
C SER B 265 -30.95 -4.86 -20.92
N LYS B 266 -30.47 -6.00 -21.42
CA LYS B 266 -29.74 -6.97 -20.62
C LYS B 266 -28.30 -6.53 -20.37
N TYR B 267 -27.96 -5.33 -20.82
CA TYR B 267 -26.62 -4.79 -20.65
C TYR B 267 -26.63 -3.51 -19.82
N LYS B 268 -27.71 -3.29 -19.08
CA LYS B 268 -27.83 -2.11 -18.25
C LYS B 268 -26.73 -2.04 -17.19
N ASP B 269 -26.40 -3.17 -16.58
CA ASP B 269 -25.37 -3.19 -15.54
C ASP B 269 -23.95 -3.25 -16.08
N TRP B 270 -23.81 -3.29 -17.41
CA TRP B 270 -22.49 -3.31 -18.04
C TRP B 270 -21.87 -1.92 -17.98
N PHE B 271 -22.69 -0.93 -17.70
CA PHE B 271 -22.25 0.46 -17.65
C PHE B 271 -22.60 1.16 -16.35
N HIS B 272 -22.33 2.46 -16.29
CA HIS B 272 -22.61 3.27 -15.12
C HIS B 272 -23.72 4.27 -15.46
N ILE B 273 -24.96 3.79 -15.40
CA ILE B 273 -26.11 4.62 -15.71
C ILE B 273 -26.80 5.10 -14.43
N HIS B 274 -27.04 6.41 -14.35
CA HIS B 274 -27.67 7.01 -13.19
C HIS B 274 -29.18 7.20 -13.35
N GLU B 275 -29.65 7.24 -14.60
CA GLU B 275 -31.07 7.39 -14.87
C GLU B 275 -31.40 6.96 -16.30
N PHE B 276 -32.68 6.70 -16.54
CA PHE B 276 -33.14 6.27 -17.86
C PHE B 276 -34.26 7.19 -18.35
N PRO B 277 -34.29 7.48 -19.66
CA PRO B 277 -33.33 6.99 -20.66
C PRO B 277 -32.01 7.74 -20.57
N LEU B 278 -31.04 7.34 -21.39
CA LEU B 278 -29.73 7.98 -21.39
C LEU B 278 -29.71 9.32 -22.14
N GLN B 279 -29.00 10.28 -21.57
CA GLN B 279 -28.86 11.61 -22.17
C GLN B 279 -27.38 11.89 -22.41
N THR B 280 -27.10 12.76 -23.38
CA THR B 280 -25.72 13.09 -23.71
C THR B 280 -25.30 14.48 -23.21
N GLU B 281 -26.27 15.31 -22.88
CA GLU B 281 -25.98 16.65 -22.39
C GLU B 281 -27.09 17.27 -21.53
N PRO B 282 -26.79 18.40 -20.84
CA PRO B 282 -25.51 19.13 -20.79
C PRO B 282 -24.33 18.17 -20.63
N ARG B 283 -24.52 17.16 -19.80
CA ARG B 283 -23.52 16.13 -19.56
C ARG B 283 -24.25 14.79 -19.54
N PRO B 284 -23.59 13.70 -19.96
CA PRO B 284 -24.22 12.38 -19.97
C PRO B 284 -24.78 11.99 -18.60
N ASN B 285 -25.89 11.26 -18.59
CA ASN B 285 -26.47 10.81 -17.32
C ASN B 285 -25.90 9.45 -16.98
N TYR B 286 -24.71 9.19 -17.51
CA TYR B 286 -23.99 7.95 -17.29
C TYR B 286 -22.50 8.28 -17.26
N ASP B 287 -21.74 7.56 -16.45
CA ASP B 287 -20.31 7.81 -16.36
C ASP B 287 -19.64 7.52 -17.70
N THR B 288 -18.58 8.25 -17.97
CA THR B 288 -17.83 8.14 -19.22
C THR B 288 -16.39 8.59 -18.99
N PHE B 289 -15.57 8.51 -20.04
CA PHE B 289 -14.20 8.99 -19.94
C PHE B 289 -14.40 10.49 -19.95
N ALA B 290 -13.76 11.21 -19.04
CA ALA B 290 -13.96 12.65 -18.99
C ALA B 290 -15.47 12.83 -19.07
N PHE B 291 -15.94 13.66 -20.00
CA PHE B 291 -17.38 13.86 -20.18
C PHE B 291 -17.75 13.61 -21.64
N VAL B 292 -16.97 12.75 -22.30
CA VAL B 292 -17.23 12.39 -23.69
C VAL B 292 -18.42 11.43 -23.74
N PRO B 293 -19.50 11.83 -24.45
CA PRO B 293 -20.67 10.95 -24.52
C PRO B 293 -20.43 9.64 -25.27
N GLN B 294 -19.51 9.66 -26.23
CA GLN B 294 -19.21 8.47 -27.02
C GLN B 294 -18.28 7.49 -26.33
N MET B 295 -17.92 7.77 -25.09
CA MET B 295 -17.03 6.88 -24.35
C MET B 295 -17.57 6.54 -22.97
N PRO B 296 -18.66 5.73 -22.92
CA PRO B 296 -19.27 5.35 -21.65
C PRO B 296 -18.39 4.40 -20.84
N LYS B 297 -18.22 4.72 -19.55
CA LYS B 297 -17.42 3.91 -18.67
C LYS B 297 -18.02 2.52 -18.50
N LEU B 298 -17.17 1.51 -18.60
CA LEU B 298 -17.60 0.13 -18.43
C LEU B 298 -17.60 -0.21 -16.95
N ASN B 299 -18.47 -1.13 -16.56
CA ASN B 299 -18.55 -1.52 -15.17
C ASN B 299 -17.75 -2.80 -14.97
N THR B 300 -16.46 -2.61 -14.73
CA THR B 300 -15.54 -3.73 -14.53
C THR B 300 -15.82 -4.54 -13.26
N ALA B 301 -16.90 -4.19 -12.56
CA ALA B 301 -17.27 -4.93 -11.36
C ALA B 301 -18.29 -5.98 -11.78
N ASN B 302 -18.94 -5.75 -12.91
CA ASN B 302 -19.94 -6.65 -13.46
C ASN B 302 -19.24 -7.91 -13.96
N PRO B 303 -19.64 -9.08 -13.43
CA PRO B 303 -19.04 -10.35 -13.83
C PRO B 303 -19.01 -10.62 -15.33
N GLU B 304 -20.04 -10.15 -16.04
CA GLU B 304 -20.09 -10.35 -17.49
C GLU B 304 -19.05 -9.47 -18.16
N VAL B 305 -19.07 -8.19 -17.83
CA VAL B 305 -18.13 -7.23 -18.39
C VAL B 305 -16.70 -7.71 -18.14
N LYS B 306 -16.45 -8.09 -16.89
CA LYS B 306 -15.14 -8.56 -16.48
C LYS B 306 -14.69 -9.77 -17.31
N ARG B 307 -15.59 -10.73 -17.46
CA ARG B 307 -15.32 -11.95 -18.22
C ARG B 307 -14.99 -11.59 -19.66
N TYR B 308 -15.85 -10.79 -20.28
CA TYR B 308 -15.63 -10.38 -21.65
C TYR B 308 -14.27 -9.69 -21.79
N LEU B 309 -13.98 -8.73 -20.91
CA LEU B 309 -12.69 -8.02 -20.98
C LEU B 309 -11.51 -8.95 -20.74
N LEU B 310 -11.64 -9.86 -19.78
CA LEU B 310 -10.55 -10.79 -19.53
C LEU B 310 -10.40 -11.71 -20.73
N ASP B 311 -11.49 -11.94 -21.45
CA ASP B 311 -11.44 -12.78 -22.64
C ASP B 311 -10.65 -12.03 -23.70
N VAL B 312 -10.90 -10.73 -23.81
CA VAL B 312 -10.20 -9.89 -24.77
C VAL B 312 -8.69 -9.93 -24.44
N ALA B 313 -8.38 -9.77 -23.16
CA ALA B 313 -6.98 -9.77 -22.72
C ALA B 313 -6.22 -11.02 -23.12
N THR B 314 -6.80 -12.18 -22.85
CA THR B 314 -6.14 -13.44 -23.19
C THR B 314 -6.22 -13.75 -24.67
N TYR B 315 -7.38 -13.50 -25.27
CA TYR B 315 -7.58 -13.76 -26.69
C TYR B 315 -6.42 -13.33 -27.60
N TRP B 316 -6.08 -12.05 -27.58
CA TRP B 316 -5.00 -11.56 -28.45
C TRP B 316 -3.62 -12.08 -28.11
N ILE B 317 -3.40 -12.47 -26.86
CA ILE B 317 -2.11 -12.98 -26.46
C ILE B 317 -1.94 -14.40 -27.02
N ARG B 318 -2.95 -15.22 -26.79
CA ARG B 318 -2.95 -16.61 -27.24
C ARG B 318 -2.92 -16.76 -28.75
N GLU B 319 -3.78 -16.01 -29.43
CA GLU B 319 -3.88 -16.07 -30.88
C GLU B 319 -2.73 -15.43 -31.65
N PHE B 320 -2.34 -14.22 -31.26
CA PHE B 320 -1.29 -13.50 -31.97
C PHE B 320 0.05 -13.43 -31.26
N ASP B 321 0.10 -13.91 -30.01
CA ASP B 321 1.34 -13.93 -29.25
C ASP B 321 1.93 -12.53 -28.99
N ILE B 322 1.09 -11.57 -28.62
CA ILE B 322 1.58 -10.22 -28.34
C ILE B 322 2.39 -10.24 -27.05
N ASP B 323 3.29 -9.29 -26.89
CA ASP B 323 4.14 -9.25 -25.72
C ASP B 323 3.84 -8.21 -24.65
N GLY B 324 2.77 -7.45 -24.81
CA GLY B 324 2.44 -6.45 -23.82
C GLY B 324 1.09 -5.76 -24.00
N TRP B 325 0.48 -5.42 -22.88
CA TRP B 325 -0.81 -4.73 -22.88
C TRP B 325 -0.63 -3.35 -22.25
N ARG B 326 -0.84 -2.30 -23.03
CA ARG B 326 -0.75 -0.93 -22.51
C ARG B 326 -2.16 -0.58 -22.09
N LEU B 327 -2.39 -0.50 -20.79
CA LEU B 327 -3.72 -0.24 -20.23
C LEU B 327 -4.17 1.23 -20.22
N ASP B 328 -5.02 1.56 -21.19
CA ASP B 328 -5.56 2.91 -21.33
C ASP B 328 -6.36 3.35 -20.10
N VAL B 329 -6.09 4.56 -19.61
CA VAL B 329 -6.76 5.10 -18.42
C VAL B 329 -6.90 4.03 -17.33
N ALA B 330 -5.78 3.35 -17.03
CA ALA B 330 -5.77 2.27 -16.06
C ALA B 330 -6.18 2.66 -14.65
N ASN B 331 -5.71 3.83 -14.19
CA ASN B 331 -6.03 4.28 -12.85
C ASN B 331 -7.52 4.35 -12.54
N GLU B 332 -8.36 4.51 -13.57
CA GLU B 332 -9.79 4.61 -13.31
C GLU B 332 -10.55 3.29 -13.25
N ILE B 333 -9.84 2.19 -13.39
CA ILE B 333 -10.45 0.86 -13.28
C ILE B 333 -10.09 0.35 -11.87
N ASP B 334 -10.99 -0.41 -11.25
CA ASP B 334 -10.75 -0.90 -9.90
C ASP B 334 -9.58 -1.88 -9.77
N HIS B 335 -9.02 -1.97 -8.57
CA HIS B 335 -7.87 -2.85 -8.28
C HIS B 335 -8.23 -4.33 -8.36
N GLU B 336 -9.45 -4.68 -7.97
CA GLU B 336 -9.87 -6.08 -8.01
C GLU B 336 -9.75 -6.59 -9.44
N PHE B 337 -10.23 -5.79 -10.40
CA PHE B 337 -10.16 -6.22 -11.79
C PHE B 337 -8.72 -6.39 -12.24
N TRP B 338 -7.86 -5.44 -11.91
CA TRP B 338 -6.46 -5.54 -12.32
C TRP B 338 -5.78 -6.77 -11.73
N ARG B 339 -6.23 -7.21 -10.56
CA ARG B 339 -5.63 -8.39 -9.96
C ARG B 339 -5.99 -9.61 -10.80
N GLU B 340 -7.28 -9.81 -11.06
CA GLU B 340 -7.70 -10.94 -11.89
C GLU B 340 -6.99 -10.83 -13.23
N PHE B 341 -6.92 -9.60 -13.76
CA PHE B 341 -6.29 -9.36 -15.05
C PHE B 341 -4.86 -9.91 -15.04
N ARG B 342 -4.08 -9.53 -14.04
CA ARG B 342 -2.70 -9.99 -13.99
C ARG B 342 -2.59 -11.51 -13.88
N GLN B 343 -3.45 -12.11 -13.08
CA GLN B 343 -3.43 -13.54 -12.88
C GLN B 343 -3.64 -14.28 -14.20
N GLU B 344 -4.75 -14.01 -14.87
CA GLU B 344 -5.04 -14.68 -16.13
C GLU B 344 -4.00 -14.44 -17.22
N VAL B 345 -3.49 -13.22 -17.30
CA VAL B 345 -2.48 -12.88 -18.30
C VAL B 345 -1.13 -13.56 -18.05
N LYS B 346 -0.65 -13.52 -16.82
CA LYS B 346 0.63 -14.14 -16.49
C LYS B 346 0.52 -15.67 -16.53
N ALA B 347 -0.68 -16.18 -16.26
CA ALA B 347 -0.91 -17.62 -16.31
C ALA B 347 -0.74 -18.06 -17.76
N LEU B 348 -1.40 -17.34 -18.66
CA LEU B 348 -1.33 -17.62 -20.09
C LEU B 348 0.06 -17.42 -20.69
N LYS B 349 0.74 -16.35 -20.29
CA LYS B 349 2.08 -16.02 -20.79
C LYS B 349 2.78 -15.06 -19.82
N PRO B 350 3.56 -15.59 -18.87
CA PRO B 350 4.27 -14.80 -17.86
C PRO B 350 5.11 -13.64 -18.39
N ASP B 351 5.57 -13.75 -19.63
CA ASP B 351 6.39 -12.71 -20.23
C ASP B 351 5.66 -11.45 -20.69
N VAL B 352 4.33 -11.46 -20.70
CA VAL B 352 3.61 -10.27 -21.14
C VAL B 352 3.83 -9.08 -20.20
N TYR B 353 4.17 -7.94 -20.81
CA TYR B 353 4.42 -6.69 -20.09
C TYR B 353 3.09 -5.97 -19.84
N ILE B 354 2.72 -5.81 -18.58
CA ILE B 354 1.47 -5.12 -18.25
C ILE B 354 1.76 -3.68 -17.83
N LEU B 355 1.62 -2.78 -18.80
CA LEU B 355 1.88 -1.35 -18.63
C LEU B 355 0.60 -0.55 -18.54
N GLY B 356 0.40 0.13 -17.42
CA GLY B 356 -0.81 0.92 -17.25
C GLY B 356 -0.58 2.40 -17.51
N GLU B 357 -1.54 3.06 -18.16
CA GLU B 357 -1.39 4.47 -18.43
C GLU B 357 -1.84 5.24 -17.19
N ILE B 358 -0.87 5.75 -16.45
CA ILE B 358 -1.13 6.53 -15.24
C ILE B 358 -0.08 7.65 -15.21
N TRP B 359 -0.55 8.89 -15.26
CA TRP B 359 0.34 10.04 -15.26
C TRP B 359 0.87 10.45 -13.91
N HIS B 360 0.14 10.09 -12.85
CA HIS B 360 0.53 10.44 -11.50
C HIS B 360 1.19 9.27 -10.75
N ASP B 361 1.55 9.54 -9.49
CA ASP B 361 2.15 8.56 -8.60
C ASP B 361 1.29 7.30 -8.68
N ALA B 362 1.89 6.17 -9.02
CA ALA B 362 1.12 4.92 -9.16
C ALA B 362 1.52 3.77 -8.21
N MET B 363 2.14 4.08 -7.08
CA MET B 363 2.55 3.04 -6.14
C MET B 363 1.45 2.00 -5.85
N PRO B 364 0.18 2.44 -5.75
CA PRO B 364 -0.92 1.50 -5.47
C PRO B 364 -1.11 0.39 -6.52
N TRP B 365 -0.62 0.61 -7.74
CA TRP B 365 -0.74 -0.35 -8.82
C TRP B 365 0.56 -1.08 -9.13
N LEU B 366 1.62 -0.76 -8.39
CA LEU B 366 2.92 -1.40 -8.63
C LEU B 366 3.50 -2.12 -7.42
N ARG B 367 2.63 -2.72 -6.62
CA ARG B 367 3.07 -3.46 -5.45
C ARG B 367 3.37 -4.91 -5.82
N GLY B 368 3.31 -5.22 -7.11
CA GLY B 368 3.61 -6.57 -7.55
C GLY B 368 2.41 -7.43 -7.86
N ASP B 369 1.24 -7.02 -7.41
CA ASP B 369 0.02 -7.79 -7.67
C ASP B 369 -0.78 -7.26 -8.86
N GLN B 370 -0.34 -6.17 -9.48
CA GLN B 370 -1.09 -5.63 -10.60
C GLN B 370 -0.30 -5.31 -11.88
N PHE B 371 0.30 -4.12 -11.96
CA PHE B 371 1.05 -3.74 -13.16
C PHE B 371 2.53 -4.03 -13.05
N ASP B 372 3.22 -4.05 -14.20
CA ASP B 372 4.66 -4.27 -14.21
C ASP B 372 5.28 -2.88 -14.26
N ALA B 373 4.49 -1.91 -14.70
CA ALA B 373 4.95 -0.54 -14.81
C ALA B 373 3.82 0.35 -15.29
N VAL B 374 4.08 1.66 -15.29
CA VAL B 374 3.12 2.63 -15.75
C VAL B 374 3.89 3.56 -16.67
N MET B 375 3.18 4.29 -17.54
CA MET B 375 3.84 5.24 -18.42
C MET B 375 4.33 6.35 -17.48
N ASN B 376 5.64 6.46 -17.36
CA ASN B 376 6.28 7.41 -16.45
C ASN B 376 6.26 8.87 -16.88
N TYR B 377 5.07 9.47 -16.89
CA TYR B 377 4.90 10.87 -17.26
C TYR B 377 5.57 11.87 -16.30
N PRO B 378 5.69 11.53 -15.01
CA PRO B 378 6.34 12.48 -14.10
C PRO B 378 7.79 12.68 -14.57
N PHE B 379 8.39 11.61 -15.05
CA PHE B 379 9.75 11.66 -15.56
C PHE B 379 9.77 12.61 -16.76
N THR B 380 8.77 12.48 -17.61
CA THR B 380 8.65 13.31 -18.79
C THR B 380 8.63 14.79 -18.39
N ASP B 381 7.84 15.12 -17.38
CA ASP B 381 7.72 16.48 -16.90
C ASP B 381 9.06 17.07 -16.46
N GLY B 382 9.73 16.40 -15.53
CA GLY B 382 11.03 16.89 -15.06
C GLY B 382 12.06 17.06 -16.16
N VAL B 383 12.16 16.05 -17.03
CA VAL B 383 13.13 16.08 -18.13
C VAL B 383 12.87 17.21 -19.13
N LEU B 384 11.60 17.50 -19.41
CA LEU B 384 11.28 18.56 -20.36
C LEU B 384 11.49 19.93 -19.70
N ARG B 385 11.18 20.03 -18.42
CA ARG B 385 11.35 21.28 -17.71
C ARG B 385 12.83 21.66 -17.60
N PHE B 386 13.70 20.68 -17.61
CA PHE B 386 15.13 20.97 -17.53
C PHE B 386 15.81 21.15 -18.90
N PHE B 387 15.66 20.17 -19.78
CA PHE B 387 16.29 20.22 -21.10
C PHE B 387 15.55 21.04 -22.18
N ALA B 388 14.22 20.99 -22.16
CA ALA B 388 13.42 21.69 -23.16
C ALA B 388 13.04 23.13 -22.82
N LYS B 389 12.37 23.31 -21.69
CA LYS B 389 11.92 24.64 -21.31
C LYS B 389 12.94 25.41 -20.48
N GLU B 390 13.89 24.70 -19.88
CA GLU B 390 14.90 25.33 -19.03
C GLU B 390 14.24 26.14 -17.90
N GLU B 391 13.16 25.60 -17.34
CA GLU B 391 12.42 26.25 -16.26
C GLU B 391 12.99 25.88 -14.89
N ILE B 392 13.99 25.01 -14.88
CA ILE B 392 14.60 24.59 -13.62
C ILE B 392 16.10 24.39 -13.81
N SER B 393 16.84 24.50 -12.71
CA SER B 393 18.27 24.34 -12.74
C SER B 393 18.65 22.85 -12.73
N ALA B 394 19.94 22.58 -12.93
CA ALA B 394 20.46 21.21 -12.93
C ALA B 394 20.28 20.63 -11.54
N ARG B 395 20.29 21.52 -10.54
CA ARG B 395 20.13 21.12 -9.14
C ARG B 395 18.70 20.68 -8.88
N GLN B 396 17.75 21.48 -9.34
CA GLN B 396 16.34 21.17 -9.16
C GLN B 396 15.94 19.96 -9.97
N PHE B 397 16.58 19.77 -11.13
CA PHE B 397 16.27 18.63 -11.97
C PHE B 397 16.78 17.36 -11.28
N ALA B 398 17.99 17.45 -10.74
CA ALA B 398 18.61 16.34 -10.01
C ALA B 398 17.70 15.97 -8.84
N ASN B 399 17.14 16.97 -8.17
CA ASN B 399 16.26 16.73 -7.03
C ASN B 399 14.95 16.07 -7.43
N GLN B 400 14.38 16.50 -8.56
CA GLN B 400 13.11 15.93 -9.01
C GLN B 400 13.27 14.48 -9.41
N MET B 401 14.37 14.16 -10.09
CA MET B 401 14.65 12.80 -10.51
C MET B 401 14.83 11.93 -9.25
N MET B 402 15.61 12.41 -8.29
CA MET B 402 15.81 11.64 -7.07
C MET B 402 14.45 11.51 -6.39
N HIS B 403 13.64 12.55 -6.50
CA HIS B 403 12.32 12.53 -5.90
C HIS B 403 11.44 11.41 -6.44
N VAL B 404 11.18 11.44 -7.75
CA VAL B 404 10.32 10.43 -8.36
C VAL B 404 10.92 9.03 -8.33
N LEU B 405 12.25 8.94 -8.28
CA LEU B 405 12.91 7.63 -8.24
C LEU B 405 12.81 6.98 -6.86
N HIS B 406 13.10 7.74 -5.82
CA HIS B 406 13.04 7.19 -4.48
C HIS B 406 11.61 6.97 -3.99
N SER B 407 10.61 7.28 -4.81
CA SER B 407 9.24 7.07 -4.37
C SER B 407 8.79 5.66 -4.68
N TYR B 408 9.62 4.92 -5.41
CA TYR B 408 9.29 3.54 -5.77
C TYR B 408 10.41 2.56 -5.40
N PRO B 409 10.08 1.26 -5.32
CA PRO B 409 11.08 0.24 -4.99
C PRO B 409 12.07 0.14 -6.18
N ASN B 410 13.32 -0.22 -5.92
CA ASN B 410 14.29 -0.33 -7.00
C ASN B 410 13.82 -1.22 -8.16
N ASN B 411 13.20 -2.37 -7.86
CA ASN B 411 12.75 -3.24 -8.94
C ASN B 411 11.59 -2.67 -9.75
N VAL B 412 10.85 -1.73 -9.18
CA VAL B 412 9.77 -1.10 -9.92
C VAL B 412 10.39 -0.15 -10.93
N ASN B 413 11.37 0.64 -10.48
CA ASN B 413 12.05 1.60 -11.34
C ASN B 413 12.84 0.95 -12.48
N GLU B 414 13.29 -0.28 -12.28
CA GLU B 414 14.07 -0.95 -13.31
C GLU B 414 13.23 -1.39 -14.52
N ALA B 415 11.92 -1.28 -14.39
CA ALA B 415 11.03 -1.68 -15.47
C ALA B 415 10.10 -0.53 -15.88
N ALA B 416 10.42 0.67 -15.39
CA ALA B 416 9.63 1.85 -15.68
C ALA B 416 9.66 2.24 -17.16
N PHE B 417 8.49 2.61 -17.69
CA PHE B 417 8.31 3.00 -19.09
C PHE B 417 8.62 4.50 -19.24
N ASN B 418 9.90 4.83 -19.37
CA ASN B 418 10.31 6.24 -19.48
C ASN B 418 10.18 6.82 -20.89
N LEU B 419 9.17 7.66 -21.09
CA LEU B 419 8.94 8.30 -22.40
C LEU B 419 9.19 9.79 -22.30
N LEU B 420 9.42 10.42 -23.44
CA LEU B 420 9.69 11.86 -23.48
C LEU B 420 8.49 12.59 -24.03
N GLY B 421 7.62 11.85 -24.70
CA GLY B 421 6.42 12.41 -25.29
C GLY B 421 5.56 11.28 -25.78
N SER B 422 4.36 11.61 -26.27
CA SER B 422 3.43 10.59 -26.75
C SER B 422 2.39 11.21 -27.67
N HIS B 423 1.33 10.47 -27.95
CA HIS B 423 0.28 10.98 -28.79
C HIS B 423 -0.65 11.89 -27.99
N ASP B 424 -0.29 12.12 -26.72
CA ASP B 424 -1.08 12.99 -25.85
C ASP B 424 -0.29 14.18 -25.33
N THR B 425 0.88 14.43 -25.91
CA THR B 425 1.72 15.54 -25.50
C THR B 425 2.25 16.25 -26.73
N SER B 426 2.87 17.39 -26.54
CA SER B 426 3.44 18.15 -27.65
C SER B 426 4.73 17.45 -28.10
N ARG B 427 5.14 17.73 -29.32
CA ARG B 427 6.37 17.16 -29.85
C ARG B 427 7.52 17.77 -29.07
N ILE B 428 8.47 16.92 -28.67
CA ILE B 428 9.61 17.39 -27.91
C ILE B 428 10.37 18.48 -28.65
N LEU B 429 10.43 18.37 -29.97
CA LEU B 429 11.15 19.38 -30.74
C LEU B 429 10.42 20.71 -30.58
N THR B 430 9.10 20.66 -30.55
CA THR B 430 8.33 21.88 -30.40
C THR B 430 8.44 22.42 -28.97
N VAL B 431 8.47 21.52 -27.98
CA VAL B 431 8.60 21.97 -26.59
C VAL B 431 10.00 22.54 -26.40
N CYS B 432 10.92 22.15 -27.27
CA CYS B 432 12.29 22.64 -27.22
C CYS B 432 12.40 23.95 -28.02
N GLY B 433 11.33 24.30 -28.74
CA GLY B 433 11.33 25.52 -29.51
C GLY B 433 12.09 25.41 -30.82
N GLY B 434 12.18 24.19 -31.36
CA GLY B 434 12.87 23.99 -32.61
C GLY B 434 14.37 23.77 -32.49
N ASP B 435 14.90 23.86 -31.28
CA ASP B 435 16.33 23.67 -31.08
C ASP B 435 16.64 22.17 -31.05
N ILE B 436 17.13 21.66 -32.17
CA ILE B 436 17.47 20.25 -32.30
C ILE B 436 18.55 19.85 -31.27
N ARG B 437 19.38 20.80 -30.86
CA ARG B 437 20.43 20.51 -29.89
C ARG B 437 19.81 20.05 -28.58
N LYS B 438 18.76 20.73 -28.16
CA LYS B 438 18.08 20.38 -26.92
C LYS B 438 17.44 19.00 -27.02
N VAL B 439 16.92 18.65 -28.20
CA VAL B 439 16.30 17.35 -28.38
C VAL B 439 17.33 16.23 -28.28
N LYS B 440 18.57 16.52 -28.63
CA LYS B 440 19.61 15.51 -28.54
C LYS B 440 19.87 15.24 -27.06
N LEU B 441 19.81 16.29 -26.26
CA LEU B 441 20.02 16.13 -24.82
C LEU B 441 18.91 15.28 -24.21
N LEU B 442 17.67 15.47 -24.67
CA LEU B 442 16.55 14.69 -24.15
C LEU B 442 16.80 13.21 -24.40
N PHE B 443 17.13 12.86 -25.64
CA PHE B 443 17.41 11.48 -26.01
C PHE B 443 18.61 10.95 -25.23
N LEU B 444 19.63 11.79 -25.07
CA LEU B 444 20.82 11.40 -24.34
C LEU B 444 20.46 10.94 -22.94
N PHE B 445 19.74 11.77 -22.21
CA PHE B 445 19.34 11.44 -20.85
C PHE B 445 18.38 10.26 -20.82
N GLN B 446 17.46 10.22 -21.77
CA GLN B 446 16.50 9.11 -21.81
C GLN B 446 17.18 7.77 -22.00
N LEU B 447 18.03 7.70 -23.03
CA LEU B 447 18.70 6.45 -23.35
C LEU B 447 19.82 6.05 -22.41
N THR B 448 20.10 6.88 -21.41
CA THR B 448 21.14 6.57 -20.44
C THR B 448 20.45 6.31 -19.09
N PHE B 449 19.12 6.46 -19.08
CA PHE B 449 18.28 6.27 -17.89
C PHE B 449 17.75 4.84 -17.77
N THR B 450 17.81 4.31 -16.56
CA THR B 450 17.36 2.97 -16.26
C THR B 450 15.88 2.78 -16.50
N GLY B 451 15.52 1.60 -17.00
CA GLY B 451 14.12 1.31 -17.28
C GLY B 451 13.89 0.82 -18.69
N SER B 452 12.65 0.94 -19.15
CA SER B 452 12.27 0.50 -20.50
C SER B 452 11.75 1.73 -21.24
N PRO B 453 12.68 2.58 -21.72
CA PRO B 453 12.34 3.82 -22.47
C PRO B 453 11.55 3.61 -23.75
N CYS B 454 10.78 4.63 -24.12
CA CYS B 454 9.97 4.59 -25.32
C CYS B 454 10.17 5.87 -26.11
N ILE B 455 10.22 5.71 -27.43
CA ILE B 455 10.40 6.84 -28.35
C ILE B 455 9.11 6.99 -29.14
N TYR B 456 8.65 8.23 -29.29
CA TYR B 456 7.43 8.50 -30.02
C TYR B 456 7.77 8.64 -31.51
N TYR B 457 7.15 7.80 -32.35
CA TYR B 457 7.43 7.82 -33.80
C TYR B 457 7.64 9.22 -34.34
N GLY B 458 8.75 9.42 -35.03
CA GLY B 458 9.03 10.72 -35.62
C GLY B 458 9.95 11.62 -34.84
N ASP B 459 10.00 11.44 -33.52
CA ASP B 459 10.88 12.26 -32.71
C ASP B 459 12.34 12.00 -32.99
N GLU B 460 12.65 10.80 -33.46
CA GLU B 460 14.04 10.47 -33.75
C GLU B 460 14.53 11.24 -34.99
N ILE B 461 13.58 11.80 -35.75
CA ILE B 461 13.91 12.57 -36.95
C ILE B 461 13.56 14.07 -36.81
N GLY B 462 13.05 14.46 -35.66
CA GLY B 462 12.72 15.86 -35.44
C GLY B 462 11.41 16.40 -35.98
N MET B 463 10.36 15.59 -35.99
CA MET B 463 9.06 16.06 -36.45
C MET B 463 8.55 17.09 -35.44
N THR B 464 7.65 17.97 -35.88
CA THR B 464 7.12 19.01 -35.02
C THR B 464 5.61 18.93 -34.80
N GLY B 465 5.11 19.80 -33.93
CA GLY B 465 3.69 19.83 -33.65
C GLY B 465 3.40 20.11 -32.19
N GLY B 466 2.29 20.78 -31.95
CA GLY B 466 1.88 21.08 -30.58
C GLY B 466 1.14 19.86 -30.06
N ASN B 467 0.38 20.03 -28.98
CA ASN B 467 -0.34 18.89 -28.41
C ASN B 467 -1.48 18.38 -29.29
N ASP B 468 -1.96 17.16 -28.98
CA ASP B 468 -3.05 16.51 -29.70
C ASP B 468 -3.96 17.58 -30.30
N PRO B 469 -4.26 17.48 -31.61
CA PRO B 469 -3.86 16.45 -32.57
C PRO B 469 -2.59 16.75 -33.35
N GLU B 470 -2.02 17.94 -33.15
CA GLU B 470 -0.82 18.35 -33.87
C GLU B 470 0.33 17.36 -33.80
N CYS B 471 0.45 16.67 -32.67
CA CYS B 471 1.53 15.71 -32.49
C CYS B 471 1.28 14.43 -33.27
N ARG B 472 0.09 14.30 -33.85
CA ARG B 472 -0.25 13.09 -34.59
C ARG B 472 -0.14 13.22 -36.11
N LYS B 473 0.88 13.94 -36.59
CA LYS B 473 1.10 14.11 -38.03
C LYS B 473 1.59 12.79 -38.65
N CYS B 474 1.53 12.71 -39.99
CA CYS B 474 1.99 11.52 -40.68
C CYS B 474 3.50 11.44 -40.56
N MET B 475 4.02 10.23 -40.49
CA MET B 475 5.46 10.02 -40.37
C MET B 475 6.17 10.55 -41.62
N VAL B 476 7.31 11.20 -41.42
CA VAL B 476 8.09 11.76 -42.52
C VAL B 476 9.10 10.73 -43.04
N TRP B 477 8.90 10.27 -44.26
CA TRP B 477 9.78 9.25 -44.84
C TRP B 477 10.86 9.75 -45.79
N ASP B 478 10.63 10.90 -46.42
CA ASP B 478 11.60 11.48 -47.34
C ASP B 478 12.78 12.00 -46.51
N PRO B 479 13.96 11.37 -46.64
CA PRO B 479 15.17 11.76 -45.89
C PRO B 479 15.57 13.24 -45.97
N MET B 480 15.08 13.96 -46.98
CA MET B 480 15.39 15.38 -47.11
C MET B 480 14.75 16.20 -46.01
N GLN B 481 13.64 15.70 -45.46
CA GLN B 481 12.95 16.40 -44.40
C GLN B 481 13.03 15.62 -43.08
N GLN B 482 14.11 14.87 -42.88
CA GLN B 482 14.25 14.08 -41.65
C GLN B 482 15.26 14.56 -40.61
N ASN B 483 16.36 15.16 -41.03
CA ASN B 483 17.39 15.61 -40.09
C ASN B 483 18.13 14.35 -39.65
N LYS B 484 19.03 13.90 -40.50
CA LYS B 484 19.80 12.69 -40.27
C LYS B 484 20.74 12.74 -39.08
N GLU B 485 21.14 13.93 -38.67
CA GLU B 485 22.04 14.07 -37.53
C GLU B 485 21.34 13.52 -36.28
N LEU B 486 20.14 14.01 -36.02
CA LEU B 486 19.37 13.54 -34.87
C LEU B 486 19.15 12.04 -34.95
N HIS B 487 18.78 11.56 -36.14
CA HIS B 487 18.53 10.13 -36.33
C HIS B 487 19.73 9.26 -35.99
N GLN B 488 20.93 9.68 -36.37
CA GLN B 488 22.13 8.91 -36.07
C GLN B 488 22.51 9.05 -34.60
N HIS B 489 22.17 10.19 -34.02
CA HIS B 489 22.45 10.45 -32.61
C HIS B 489 21.67 9.41 -31.77
N VAL B 490 20.40 9.21 -32.11
CA VAL B 490 19.55 8.26 -31.42
C VAL B 490 19.97 6.82 -31.71
N LYS B 491 20.37 6.54 -32.95
CA LYS B 491 20.81 5.21 -33.35
C LYS B 491 22.07 4.88 -32.54
N GLN B 492 22.92 5.88 -32.39
CA GLN B 492 24.15 5.74 -31.66
C GLN B 492 23.81 5.42 -30.21
N LEU B 493 23.03 6.29 -29.58
CA LEU B 493 22.64 6.09 -28.17
C LEU B 493 21.97 4.73 -27.95
N ILE B 494 21.11 4.30 -28.87
CA ILE B 494 20.46 3.01 -28.70
C ILE B 494 21.52 1.91 -28.75
N ALA B 495 22.59 2.17 -29.50
CA ALA B 495 23.69 1.22 -29.63
C ALA B 495 24.44 1.12 -28.30
N LEU B 496 24.85 2.27 -27.76
CA LEU B 496 25.55 2.30 -26.49
C LEU B 496 24.73 1.65 -25.38
N ARG B 497 23.46 2.04 -25.26
CA ARG B 497 22.61 1.47 -24.23
C ARG B 497 22.69 -0.05 -24.24
N LYS B 498 22.54 -0.65 -25.42
CA LYS B 498 22.58 -2.10 -25.57
C LYS B 498 23.94 -2.67 -25.17
N GLN B 499 24.96 -1.83 -25.22
CA GLN B 499 26.33 -2.24 -24.91
C GLN B 499 26.76 -2.04 -23.46
N TYR B 500 26.10 -1.13 -22.74
CA TYR B 500 26.46 -0.89 -21.35
C TYR B 500 25.30 -1.10 -20.39
N ARG B 501 25.42 -2.16 -19.60
CA ARG B 501 24.40 -2.55 -18.65
C ARG B 501 24.05 -1.44 -17.65
N SER B 502 25.03 -0.63 -17.29
CA SER B 502 24.79 0.45 -16.34
C SER B 502 23.77 1.46 -16.87
N LEU B 503 23.66 1.59 -18.19
CA LEU B 503 22.72 2.55 -18.74
C LEU B 503 21.26 2.07 -18.66
N ARG B 504 21.03 0.77 -18.81
CA ARG B 504 19.66 0.27 -18.76
C ARG B 504 19.22 -0.38 -17.45
N ARG B 505 20.16 -0.72 -16.57
CA ARG B 505 19.81 -1.37 -15.31
C ARG B 505 20.54 -0.77 -14.11
N GLY B 506 21.53 0.06 -14.38
CA GLY B 506 22.31 0.65 -13.31
C GLY B 506 21.63 1.68 -12.43
N GLU B 507 22.34 2.07 -11.39
CA GLU B 507 21.88 3.06 -10.43
C GLU B 507 22.37 4.43 -10.91
N ILE B 508 21.56 5.47 -10.72
CA ILE B 508 21.95 6.80 -11.15
C ILE B 508 22.35 7.66 -9.96
N SER B 509 23.31 8.55 -10.18
CA SER B 509 23.80 9.42 -9.13
C SER B 509 24.20 10.75 -9.74
N PHE B 510 23.75 11.84 -9.13
CA PHE B 510 24.06 13.19 -9.62
C PHE B 510 25.18 13.84 -8.82
N LEU B 511 26.20 14.31 -9.53
CA LEU B 511 27.35 14.97 -8.90
C LEU B 511 27.08 16.47 -8.98
N HIS B 512 27.55 17.22 -7.98
CA HIS B 512 27.29 18.65 -7.97
C HIS B 512 28.46 19.53 -8.39
N ALA B 513 28.23 20.35 -9.40
CA ALA B 513 29.23 21.27 -9.96
C ALA B 513 29.07 22.71 -9.49
N ASP B 514 29.77 23.62 -10.17
CA ASP B 514 29.73 25.04 -9.86
C ASP B 514 28.44 25.64 -10.42
N ASP B 515 28.38 25.72 -11.74
CA ASP B 515 27.22 26.25 -12.44
C ASP B 515 26.16 25.15 -12.36
N GLU B 516 25.78 24.80 -11.13
CA GLU B 516 24.79 23.76 -10.92
C GLU B 516 23.41 24.21 -11.41
N MET B 517 23.42 25.06 -12.44
CA MET B 517 22.18 25.55 -13.03
C MET B 517 22.11 25.11 -14.48
N ASN B 518 23.25 25.06 -15.15
CA ASN B 518 23.27 24.65 -16.55
C ASN B 518 24.08 23.40 -16.77
N TYR B 519 25.02 23.13 -15.87
CA TYR B 519 25.86 21.94 -15.99
C TYR B 519 25.22 20.76 -15.31
N LEU B 520 24.98 19.69 -16.06
CA LEU B 520 24.41 18.49 -15.46
C LEU B 520 25.45 17.39 -15.54
N ILE B 521 25.76 16.80 -14.39
CA ILE B 521 26.74 15.72 -14.31
C ILE B 521 26.16 14.56 -13.52
N TYR B 522 26.18 13.37 -14.12
CA TYR B 522 25.65 12.19 -13.46
C TYR B 522 26.28 10.92 -14.00
N LYS B 523 26.30 9.89 -13.17
CA LYS B 523 26.88 8.63 -13.60
C LYS B 523 25.92 7.46 -13.39
N LYS B 524 26.03 6.44 -14.24
CA LYS B 524 25.19 5.25 -14.13
C LYS B 524 26.13 4.16 -13.61
N THR B 525 25.74 3.50 -12.53
CA THR B 525 26.57 2.47 -11.92
C THR B 525 25.90 1.09 -11.84
N ASP B 526 26.72 0.06 -12.01
CA ASP B 526 26.26 -1.32 -11.95
C ASP B 526 27.54 -2.16 -11.85
N GLY B 527 27.96 -2.46 -10.62
CA GLY B 527 29.20 -3.18 -10.45
C GLY B 527 30.28 -2.15 -10.69
N ASP B 528 31.39 -2.55 -11.30
CA ASP B 528 32.47 -1.62 -11.59
C ASP B 528 32.11 -0.84 -12.85
N GLU B 529 31.19 -1.39 -13.63
CA GLU B 529 30.73 -0.78 -14.87
C GLU B 529 30.20 0.59 -14.49
N THR B 530 30.71 1.63 -15.16
CA THR B 530 30.28 2.98 -14.86
C THR B 530 30.39 3.93 -16.02
N VAL B 531 29.34 4.70 -16.25
CA VAL B 531 29.31 5.67 -17.33
C VAL B 531 29.09 7.07 -16.74
N LEU B 532 30.03 7.97 -17.00
CA LEU B 532 29.93 9.34 -16.51
C LEU B 532 29.40 10.22 -17.64
N VAL B 533 28.32 10.95 -17.38
CA VAL B 533 27.75 11.83 -18.38
C VAL B 533 27.87 13.26 -17.88
N ILE B 534 28.29 14.13 -18.78
CA ILE B 534 28.44 15.55 -18.48
C ILE B 534 27.61 16.27 -19.54
N ILE B 535 26.85 17.26 -19.10
CA ILE B 535 26.00 17.97 -20.02
C ILE B 535 26.08 19.47 -19.82
N ASN B 536 26.31 20.19 -20.90
CA ASN B 536 26.38 21.63 -20.85
C ASN B 536 25.07 22.17 -21.40
N ARG B 537 24.12 22.46 -20.51
CA ARG B 537 22.83 22.96 -20.96
C ARG B 537 22.83 24.48 -20.95
N SER B 538 23.52 25.05 -21.94
CA SER B 538 23.65 26.49 -22.11
C SER B 538 23.74 26.82 -23.59
N ASP B 539 23.65 28.11 -23.90
CA ASP B 539 23.72 28.58 -25.28
C ASP B 539 25.16 28.86 -25.75
N GLN B 540 26.14 28.46 -24.96
CA GLN B 540 27.53 28.70 -25.35
C GLN B 540 28.55 27.74 -24.73
N LYS B 541 29.77 27.77 -25.25
CA LYS B 541 30.87 26.92 -24.79
C LYS B 541 31.00 26.91 -23.28
N ALA B 542 31.56 25.82 -22.76
CA ALA B 542 31.74 25.69 -21.32
C ALA B 542 32.84 24.70 -20.99
N ASP B 543 33.61 25.04 -19.96
CA ASP B 543 34.68 24.18 -19.48
C ASP B 543 34.21 23.66 -18.14
N ILE B 544 33.68 22.44 -18.17
CA ILE B 544 33.15 21.81 -16.96
C ILE B 544 34.18 20.91 -16.29
N PRO B 545 34.55 21.24 -15.04
CA PRO B 545 35.53 20.45 -14.28
C PRO B 545 34.81 19.30 -13.59
N ILE B 546 35.11 18.07 -14.02
CA ILE B 546 34.48 16.90 -13.42
C ILE B 546 35.44 16.13 -12.54
N PRO B 547 35.29 16.27 -11.20
CA PRO B 547 36.19 15.56 -10.29
C PRO B 547 35.95 14.06 -10.35
N LEU B 548 37.02 13.31 -10.59
CA LEU B 548 36.93 11.85 -10.66
C LEU B 548 38.30 11.25 -10.37
N ASP B 549 38.33 10.31 -9.43
CA ASP B 549 39.57 9.64 -9.05
C ASP B 549 40.47 9.35 -10.24
N ALA B 550 41.75 9.66 -10.11
CA ALA B 550 42.72 9.44 -11.17
C ALA B 550 43.32 8.03 -11.10
N ARG B 551 44.61 7.95 -10.78
CA ARG B 551 45.31 6.67 -10.67
C ARG B 551 44.91 5.67 -11.77
N GLY B 552 44.58 4.46 -11.35
CA GLY B 552 44.21 3.43 -12.30
C GLY B 552 42.85 3.63 -12.95
N THR B 553 42.55 4.86 -13.34
CA THR B 553 41.28 5.15 -13.97
C THR B 553 41.41 5.54 -15.44
N TRP B 554 40.69 4.82 -16.28
CA TRP B 554 40.70 5.08 -17.71
C TRP B 554 39.33 5.52 -18.19
N LEU B 555 39.31 6.52 -19.05
CA LEU B 555 38.07 7.04 -19.60
C LEU B 555 37.88 6.59 -21.04
N VAL B 556 36.66 6.20 -21.37
CA VAL B 556 36.35 5.75 -22.71
C VAL B 556 35.21 6.58 -23.28
N ASN B 557 35.55 7.54 -24.13
CA ASN B 557 34.56 8.37 -24.79
C ASN B 557 33.73 7.38 -25.60
N LEU B 558 32.51 7.12 -25.15
CA LEU B 558 31.65 6.17 -25.83
C LEU B 558 31.17 6.66 -27.19
N LEU B 559 31.21 7.97 -27.41
CA LEU B 559 30.77 8.54 -28.67
C LEU B 559 31.79 8.28 -29.77
N THR B 560 33.07 8.52 -29.47
CA THR B 560 34.14 8.32 -30.45
C THR B 560 34.89 7.01 -30.29
N GLY B 561 35.02 6.54 -29.06
CA GLY B 561 35.73 5.30 -28.79
C GLY B 561 37.12 5.58 -28.26
N GLU B 562 37.49 6.86 -28.27
CA GLU B 562 38.78 7.28 -27.79
C GLU B 562 38.99 6.87 -26.34
N ARG B 563 40.20 6.41 -26.01
CA ARG B 563 40.53 6.02 -24.64
C ARG B 563 41.60 6.98 -24.14
N PHE B 564 41.85 6.99 -22.83
CA PHE B 564 42.87 7.85 -22.24
C PHE B 564 42.76 7.86 -20.72
N ALA B 565 43.87 8.07 -20.04
CA ALA B 565 43.88 8.08 -18.59
C ALA B 565 43.58 9.48 -18.04
N ALA B 566 43.37 9.56 -16.73
CA ALA B 566 43.07 10.84 -16.06
C ALA B 566 44.37 11.46 -15.54
N GLU B 567 44.50 12.78 -15.66
CA GLU B 567 45.71 13.46 -15.20
C GLU B 567 45.48 14.64 -14.24
N ALA B 568 44.58 15.55 -14.61
CA ALA B 568 44.30 16.72 -13.79
C ALA B 568 43.65 16.42 -12.44
N GLU B 569 43.42 15.14 -12.14
CA GLU B 569 42.79 14.72 -10.89
C GLU B 569 41.33 15.19 -10.81
N THR B 570 41.07 16.34 -11.43
CA THR B 570 39.74 16.93 -11.49
C THR B 570 39.56 17.43 -12.92
N LEU B 571 39.73 16.51 -13.86
CA LEU B 571 39.63 16.75 -15.30
C LEU B 571 38.63 17.82 -15.72
N CYS B 572 38.97 18.53 -16.80
CA CYS B 572 38.12 19.59 -17.33
C CYS B 572 37.74 19.28 -18.78
N THR B 573 36.45 19.32 -19.08
CA THR B 573 35.97 19.04 -20.43
C THR B 573 35.39 20.30 -21.05
N SER B 574 35.73 20.54 -22.33
CA SER B 574 35.22 21.71 -23.03
C SER B 574 34.11 21.30 -23.98
N LEU B 575 32.92 21.86 -23.76
CA LEU B 575 31.78 21.54 -24.59
C LEU B 575 31.18 22.76 -25.27
N PRO B 576 30.65 22.58 -26.48
CA PRO B 576 30.04 23.67 -27.23
C PRO B 576 28.65 23.91 -26.64
N PRO B 577 27.88 24.86 -27.20
CA PRO B 577 26.56 25.11 -26.65
C PRO B 577 25.73 23.82 -26.64
N TYR B 578 25.17 23.48 -25.48
CA TYR B 578 24.36 22.27 -25.33
C TYR B 578 25.13 21.00 -25.68
N GLY B 579 26.43 21.02 -25.40
CA GLY B 579 27.26 19.87 -25.66
C GLY B 579 27.19 18.81 -24.58
N PHE B 580 27.70 17.63 -24.89
CA PHE B 580 27.68 16.49 -23.97
C PHE B 580 28.74 15.46 -24.34
N VAL B 581 29.12 14.65 -23.34
CA VAL B 581 30.10 13.60 -23.55
C VAL B 581 29.87 12.45 -22.57
N LEU B 582 29.98 11.22 -23.05
CA LEU B 582 29.82 10.05 -22.20
C LEU B 582 31.18 9.36 -22.08
N TYR B 583 31.55 9.04 -20.84
CA TYR B 583 32.82 8.40 -20.52
C TYR B 583 32.60 7.11 -19.75
N ALA B 584 33.12 6.01 -20.25
CA ALA B 584 33.01 4.75 -19.54
C ALA B 584 34.17 4.80 -18.55
N ILE B 585 33.90 4.56 -17.28
CA ILE B 585 34.95 4.60 -16.27
C ILE B 585 35.48 3.21 -15.93
N GLU B 586 36.76 2.99 -16.21
CA GLU B 586 37.40 1.71 -15.92
C GLU B 586 38.38 1.86 -14.76
N HIS B 587 38.24 0.98 -13.77
CA HIS B 587 39.10 0.98 -12.59
C HIS B 587 40.11 -0.14 -12.77
N TRP B 588 41.37 0.24 -12.99
CA TRP B 588 42.45 -0.72 -13.19
C TRP B 588 43.48 -0.63 -12.07
C1 GLC C . 0.72 -17.11 18.02
C2 GLC C . -0.17 -17.55 19.19
C3 GLC C . 0.73 -18.18 20.26
C4 GLC C . 1.48 -19.38 19.65
C5 GLC C . 2.24 -18.94 18.39
C6 GLC C . 2.81 -20.13 17.65
O1 GLC C . 1.70 -16.24 18.49
O2 GLC C . -0.88 -16.43 19.72
O3 GLC C . -0.05 -18.59 21.38
O4 GLC C . 2.42 -19.91 20.61
O5 GLC C . 1.36 -18.26 17.46
O6 GLC C . 1.78 -20.91 17.08
C1 GLC C . 2.20 -21.23 21.02
C2 GLC C . 1.90 -21.26 22.52
C3 GLC C . 3.12 -20.80 23.31
C4 GLC C . 4.33 -21.65 22.95
C5 GLC C . 4.55 -21.70 21.43
C6 GLC C . 5.57 -22.77 21.08
O2 GLC C . 0.80 -20.42 22.81
O3 GLC C . 2.86 -20.94 24.70
O4 GLC C . 5.49 -21.12 23.57
O5 GLC C . 3.33 -22.06 20.75
O6 GLC C . 5.28 -23.94 21.89
C1 GLC C . 6.13 -25.03 21.66
C2 GLC C . 5.72 -26.17 22.59
C3 GLC C . 5.94 -25.73 24.03
C4 GLC C . 7.40 -25.33 24.26
C5 GLC C . 7.87 -24.29 23.21
C6 GLC C . 9.38 -24.13 23.25
O2 GLC C . 4.35 -26.50 22.38
O3 GLC C . 5.58 -26.78 24.92
O4 GLC C . 7.55 -24.77 25.56
O5 GLC C . 7.52 -24.72 21.87
O6 GLC C . 9.77 -22.80 23.00
C1 GLC D . -5.80 7.85 -22.92
C2 GLC D . -5.23 7.85 -24.34
C3 GLC D . -5.83 9.02 -25.12
C4 GLC D . -7.35 8.88 -25.14
C5 GLC D . -7.90 8.77 -23.71
C6 GLC D . -9.37 8.44 -23.69
O1 GLC D . -5.52 9.05 -22.27
O2 GLC D . -3.81 7.96 -24.29
O3 GLC D . -5.33 9.04 -26.46
O4 GLC D . -7.95 10.02 -25.80
O5 GLC D . -7.23 7.71 -22.98
O6 GLC D . -9.58 7.07 -24.01
C1 GLC D . -8.70 9.77 -26.96
C2 GLC D . -8.02 10.42 -28.18
C3 GLC D . -8.00 11.93 -27.99
C4 GLC D . -9.41 12.48 -27.72
C5 GLC D . -10.16 11.68 -26.63
C6 GLC D . -11.64 11.99 -26.61
O2 GLC D . -6.71 9.94 -28.33
O3 GLC D . -7.48 12.56 -29.16
O4 GLC D . -9.31 13.83 -27.30
O5 GLC D . -10.03 10.25 -26.86
O6 GLC D . -12.19 11.79 -27.93
C1 GLC D . -13.54 12.17 -28.03
C2 GLC D . -14.01 12.06 -29.50
C3 GLC D . -13.33 13.15 -30.35
C4 GLC D . -13.52 14.55 -29.72
C5 GLC D . -13.10 14.54 -28.24
C6 GLC D . -13.44 15.84 -27.54
O2 GLC D . -13.69 10.79 -30.02
O3 GLC D . -13.89 13.15 -31.65
O4 GLC D . -12.73 15.49 -30.42
O5 GLC D . -13.78 13.48 -27.53
O6 GLC D . -14.54 15.68 -26.65
#